data_1H47
#
_entry.id   1H47
#
_cell.length_a   88.082
_cell.length_b   117.582
_cell.length_c   54.215
_cell.angle_alpha   90.00
_cell.angle_beta   90.21
_cell.angle_gamma   90.00
#
_symmetry.space_group_name_H-M   'P 1 21 1'
#
loop_
_entity.id
_entity.type
_entity.pdbx_description
1 polymer '2C-METHYL-D-ERYTHRITOL-2,4-CYCLODIPHOSPHATE SYNTHASE'
2 non-polymer 'GERANYL DIPHOSPHATE'
3 non-polymer 'ZINC ION'
4 non-polymer "CYTIDINE-5'-MONOPHOSPHATE"
5 water water
#
_entity_poly.entity_id   1
_entity_poly.type   'polypeptide(L)'
_entity_poly.pdbx_seq_one_letter_code
;LEMRIGHGFDVHAFGGEGPIIIGGVRIPYEKGLLAHSDGDVALHALTDALLGAAALGDIGKLFPDTDPAFKGADSRELLR
EAWRRIQAKGYTLGNVDVTIIAQAPKMLPHIPQMRVFIAEDLGCHMDDVNVKATTTEKLGFTGRGEGIACEAVALLIKAT
K
;
_entity_poly.pdbx_strand_id   A,B,C,D,E,F
#
# COMPACT_ATOMS: atom_id res chain seq x y z
N GLU A 2 -8.28 -8.99 42.28
CA GLU A 2 -9.15 -8.69 41.10
C GLU A 2 -8.44 -7.77 40.09
N MET A 3 -8.05 -8.30 38.96
CA MET A 3 -7.30 -7.54 38.00
C MET A 3 -7.84 -7.72 36.62
N ARG A 4 -7.66 -6.68 35.80
CA ARG A 4 -8.26 -6.61 34.48
C ARG A 4 -7.26 -6.03 33.46
N ILE A 5 -7.25 -6.60 32.26
CA ILE A 5 -6.30 -6.24 31.22
C ILE A 5 -6.94 -5.44 30.11
N GLY A 6 -6.17 -4.54 29.54
CA GLY A 6 -6.62 -3.88 28.36
C GLY A 6 -5.49 -3.62 27.41
N HIS A 7 -5.89 -3.31 26.18
CA HIS A 7 -4.99 -3.16 25.06
C HIS A 7 -5.47 -1.98 24.23
N GLY A 8 -4.52 -1.14 23.79
CA GLY A 8 -4.81 -0.11 22.82
C GLY A 8 -3.80 -0.03 21.70
N PHE A 9 -4.26 0.52 20.57
CA PHE A 9 -3.40 0.71 19.42
C PHE A 9 -3.87 1.98 18.67
N ASP A 10 -2.93 2.79 18.21
CA ASP A 10 -3.28 4.01 17.47
C ASP A 10 -2.23 4.32 16.39
N VAL A 11 -2.66 5.06 15.38
CA VAL A 11 -1.75 5.49 14.31
C VAL A 11 -2.10 6.92 13.99
N HIS A 12 -1.07 7.75 13.85
CA HIS A 12 -1.26 9.02 13.18
C HIS A 12 -0.27 9.24 12.02
N ALA A 13 -0.84 9.81 10.95
CA ALA A 13 -0.12 10.06 9.71
C ALA A 13 0.54 11.42 9.78
N PHE A 14 1.80 11.49 9.37
CA PHE A 14 2.49 12.76 9.33
C PHE A 14 1.82 13.75 8.35
N GLY A 15 2.00 15.02 8.66
CA GLY A 15 1.45 16.12 7.86
C GLY A 15 1.77 17.45 8.53
N GLY A 16 1.84 18.52 7.74
CA GLY A 16 2.18 19.83 8.24
C GLY A 16 3.58 19.88 8.83
N GLU A 17 3.80 20.80 9.76
CA GLU A 17 5.11 20.97 10.38
C GLU A 17 5.03 20.63 11.85
N GLY A 18 6.20 20.43 12.46
CA GLY A 18 6.31 20.06 13.84
C GLY A 18 6.07 21.24 14.77
N PRO A 19 6.07 21.01 16.08
CA PRO A 19 6.47 19.75 16.70
C PRO A 19 5.34 18.70 16.64
N ILE A 20 5.69 17.44 16.90
CA ILE A 20 4.67 16.40 17.13
C ILE A 20 4.52 16.29 18.63
N ILE A 21 3.37 15.82 19.08
CA ILE A 21 3.15 15.62 20.51
C ILE A 21 2.96 14.13 20.81
N ILE A 22 3.84 13.61 21.65
CA ILE A 22 3.83 12.21 22.06
C ILE A 22 3.95 12.08 23.59
N GLY A 23 3.10 11.28 24.19
CA GLY A 23 3.06 11.19 25.64
C GLY A 23 3.03 12.56 26.33
N GLY A 24 2.29 13.49 25.77
CA GLY A 24 2.21 14.85 26.30
C GLY A 24 3.38 15.76 26.00
N VAL A 25 4.47 15.23 25.44
CA VAL A 25 5.68 15.97 25.21
C VAL A 25 5.77 16.44 23.77
N ARG A 26 6.07 17.72 23.58
CA ARG A 26 6.28 18.30 22.25
C ARG A 26 7.70 17.94 21.79
N ILE A 27 7.81 17.23 20.67
CA ILE A 27 9.11 16.80 20.16
C ILE A 27 9.40 17.51 18.84
N PRO A 28 10.56 18.19 18.75
CA PRO A 28 10.99 18.79 17.48
C PRO A 28 11.09 17.74 16.40
N TYR A 29 10.42 17.99 15.29
CA TYR A 29 10.53 17.15 14.10
C TYR A 29 10.16 17.96 12.86
N GLU A 30 10.60 17.49 11.71
CA GLU A 30 10.49 18.25 10.47
C GLU A 30 9.04 18.34 9.97
N LYS A 31 8.19 17.41 10.42
CA LYS A 31 6.76 17.45 10.08
C LYS A 31 5.90 17.22 11.33
N GLY A 32 4.60 17.53 11.22
CA GLY A 32 3.66 17.35 12.32
C GLY A 32 2.89 16.04 12.27
N LEU A 33 1.93 15.89 13.18
CA LEU A 33 0.96 14.79 13.13
C LEU A 33 -0.45 15.32 12.93
N LEU A 34 -1.01 14.99 11.77
CA LEU A 34 -2.38 15.32 11.40
C LEU A 34 -3.37 14.57 12.26
N ALA A 35 -4.34 15.29 12.79
CA ALA A 35 -5.49 14.68 13.47
C ALA A 35 -6.63 15.67 13.67
N HIS A 36 -7.85 15.12 13.66
CA HIS A 36 -8.99 15.77 14.30
C HIS A 36 -8.55 16.35 15.63
N SER A 37 -7.66 15.62 16.30
CA SER A 37 -7.15 15.92 17.65
C SER A 37 -5.69 16.40 17.60
N ASP A 38 -4.96 16.32 18.71
CA ASP A 38 -3.52 16.67 18.66
C ASP A 38 -2.59 15.57 18.16
N GLY A 39 -3.10 14.38 17.83
CA GLY A 39 -2.29 13.33 17.21
C GLY A 39 -1.36 12.60 18.18
N ASP A 40 -1.64 12.70 19.48
CA ASP A 40 -0.83 12.03 20.49
C ASP A 40 -1.10 10.52 20.47
N VAL A 41 -0.39 9.79 19.61
CA VAL A 41 -0.66 8.37 19.44
C VAL A 41 -0.49 7.59 20.69
N ALA A 42 0.50 7.97 21.48
CA ALA A 42 0.81 7.27 22.73
C ALA A 42 -0.31 7.40 23.78
N LEU A 43 -0.76 8.62 24.02
CA LEU A 43 -1.86 8.85 24.98
C LEU A 43 -3.16 8.31 24.50
N HIS A 44 -3.38 8.29 23.18
CA HIS A 44 -4.57 7.68 22.63
C HIS A 44 -4.55 6.17 22.85
N ALA A 45 -3.45 5.53 22.54
CA ALA A 45 -3.40 4.08 22.64
C ALA A 45 -3.53 3.73 24.13
N LEU A 46 -2.89 4.52 24.98
CA LEU A 46 -2.95 4.23 26.42
C LEU A 46 -4.40 4.38 26.94
N THR A 47 -5.07 5.45 26.54
CA THR A 47 -6.44 5.72 26.88
C THR A 47 -7.37 4.58 26.47
N ASP A 48 -7.21 4.06 25.25
CA ASP A 48 -7.99 2.92 24.82
C ASP A 48 -7.70 1.66 25.68
N ALA A 49 -6.44 1.47 26.12
CA ALA A 49 -6.08 0.28 26.90
C ALA A 49 -6.74 0.35 28.27
N LEU A 50 -6.76 1.54 28.82
CA LEU A 50 -7.36 1.77 30.18
C LEU A 50 -8.90 1.61 30.09
N LEU A 51 -9.49 2.22 29.06
CA LEU A 51 -10.91 2.05 28.80
C LEU A 51 -11.27 0.61 28.46
N GLY A 52 -10.38 -0.10 27.75
CA GLY A 52 -10.60 -1.49 27.42
C GLY A 52 -10.62 -2.36 28.65
N ALA A 53 -9.68 -2.13 29.55
CA ALA A 53 -9.60 -2.93 30.74
C ALA A 53 -10.85 -2.71 31.55
N ALA A 54 -11.41 -1.50 31.49
CA ALA A 54 -12.63 -1.17 32.22
C ALA A 54 -13.94 -1.55 31.53
N ALA A 55 -13.86 -2.21 30.38
CA ALA A 55 -15.02 -2.43 29.53
C ALA A 55 -15.86 -1.17 29.36
N LEU A 56 -15.22 -0.03 29.12
CA LEU A 56 -15.92 1.20 28.79
C LEU A 56 -15.82 1.57 27.31
N GLY A 57 -15.21 0.71 26.50
CA GLY A 57 -15.22 0.88 25.05
C GLY A 57 -13.94 1.45 24.51
N ASP A 58 -13.97 2.70 24.03
CA ASP A 58 -12.80 3.35 23.44
C ASP A 58 -12.95 4.88 23.43
N ILE A 59 -11.90 5.59 23.04
CA ILE A 59 -11.91 7.05 22.99
C ILE A 59 -12.99 7.64 22.10
N GLY A 60 -13.18 7.07 20.91
CA GLY A 60 -14.23 7.50 20.01
C GLY A 60 -15.61 7.34 20.61
N LYS A 61 -15.82 6.30 21.41
CA LYS A 61 -17.10 6.08 22.08
C LYS A 61 -17.39 7.19 23.10
N LEU A 62 -16.41 7.51 23.94
CA LEU A 62 -16.58 8.51 24.99
C LEU A 62 -16.55 9.93 24.42
N PHE A 63 -15.78 10.14 23.37
CA PHE A 63 -15.45 11.47 22.88
C PHE A 63 -15.57 11.53 21.34
N PRO A 64 -16.77 11.33 20.80
CA PRO A 64 -16.95 11.36 19.34
C PRO A 64 -16.45 12.66 18.72
N ASP A 65 -15.79 12.58 17.55
CA ASP A 65 -15.37 13.78 16.80
C ASP A 65 -16.59 14.64 16.49
N THR A 66 -17.66 13.96 16.13
CA THR A 66 -18.99 14.53 16.08
C THR A 66 -19.19 15.60 17.16
N ASP A 67 -19.14 15.21 18.43
CA ASP A 67 -19.62 16.03 19.56
C ASP A 67 -18.77 17.29 19.80
N PRO A 68 -19.33 18.48 19.54
CA PRO A 68 -18.62 19.76 19.77
C PRO A 68 -18.01 19.98 21.17
N ALA A 69 -18.57 19.36 22.20
CA ALA A 69 -18.05 19.48 23.57
C ALA A 69 -16.56 19.13 23.73
N PHE A 70 -16.04 18.29 22.83
CA PHE A 70 -14.66 17.81 22.98
C PHE A 70 -13.73 18.51 21.98
N LYS A 71 -14.28 19.49 21.27
CA LYS A 71 -13.51 20.23 20.28
C LYS A 71 -12.35 20.91 20.95
N GLY A 72 -11.17 20.64 20.44
CA GLY A 72 -9.98 21.30 20.91
C GLY A 72 -9.45 20.71 22.20
N ALA A 73 -10.06 19.66 22.73
CA ALA A 73 -9.48 18.97 23.91
C ALA A 73 -8.15 18.36 23.54
N ASP A 74 -7.17 18.45 24.43
CA ASP A 74 -5.91 17.76 24.16
C ASP A 74 -5.95 16.35 24.75
N SER A 75 -4.96 15.55 24.39
CA SER A 75 -4.98 14.14 24.74
C SER A 75 -4.82 13.91 26.23
N ARG A 76 -4.15 14.79 26.95
CA ARG A 76 -4.04 14.63 28.43
C ARG A 76 -5.38 14.92 29.10
N GLU A 77 -6.14 15.83 28.52
CA GLU A 77 -7.47 16.12 29.04
C GLU A 77 -8.40 14.94 28.80
N LEU A 78 -8.27 14.32 27.63
CA LEU A 78 -9.06 13.14 27.32
C LEU A 78 -8.68 11.97 28.22
N LEU A 79 -7.39 11.79 28.43
CA LEU A 79 -6.86 10.73 29.33
C LEU A 79 -7.39 10.93 30.76
N ARG A 80 -7.35 12.18 31.24
CA ARG A 80 -7.76 12.41 32.64
C ARG A 80 -9.26 12.16 32.81
N GLU A 81 -10.04 12.52 31.80
CA GLU A 81 -11.51 12.33 31.83
C GLU A 81 -11.87 10.85 31.73
N ALA A 82 -11.16 10.13 30.86
CA ALA A 82 -11.33 8.69 30.77
C ALA A 82 -11.00 8.07 32.13
N TRP A 83 -9.94 8.54 32.76
CA TRP A 83 -9.49 7.99 34.01
C TRP A 83 -10.47 8.27 35.15
N ARG A 84 -11.04 9.47 35.15
CA ARG A 84 -12.05 9.83 36.15
C ARG A 84 -13.24 8.86 36.04
N ARG A 85 -13.65 8.53 34.82
CA ARG A 85 -14.79 7.62 34.60
C ARG A 85 -14.48 6.19 34.97
N ILE A 86 -13.23 5.79 34.75
CA ILE A 86 -12.79 4.46 35.12
C ILE A 86 -12.78 4.35 36.65
N GLN A 87 -12.30 5.39 37.31
CA GLN A 87 -12.21 5.41 38.76
C GLN A 87 -13.60 5.39 39.43
N ALA A 88 -14.55 6.11 38.83
CA ALA A 88 -15.96 6.05 39.28
C ALA A 88 -16.58 4.67 39.10
N LYS A 89 -16.03 3.87 38.19
CA LYS A 89 -16.45 2.48 38.04
C LYS A 89 -15.82 1.56 39.09
N GLY A 90 -14.94 2.09 39.96
CA GLY A 90 -14.39 1.33 41.06
C GLY A 90 -12.91 0.90 40.93
N TYR A 91 -12.27 1.24 39.81
CA TYR A 91 -10.93 0.78 39.55
C TYR A 91 -9.83 1.71 39.98
N THR A 92 -8.71 1.09 40.21
CA THR A 92 -7.49 1.78 40.53
C THR A 92 -6.38 1.25 39.61
N LEU A 93 -5.25 1.94 39.54
CA LEU A 93 -4.21 1.58 38.58
C LEU A 93 -3.31 0.51 39.09
N GLY A 94 -3.08 -0.51 38.25
CA GLY A 94 -2.01 -1.47 38.47
C GLY A 94 -0.75 -0.92 37.85
N ASN A 95 -0.64 -1.11 36.53
CA ASN A 95 0.47 -0.57 35.81
C ASN A 95 0.13 -0.47 34.32
N VAL A 96 0.97 0.29 33.64
CA VAL A 96 0.78 0.45 32.18
C VAL A 96 2.10 0.33 31.49
N ASP A 97 2.06 -0.10 30.20
CA ASP A 97 3.24 -0.24 29.43
C ASP A 97 2.88 0.20 28.00
N VAL A 98 3.73 1.05 27.45
CA VAL A 98 3.41 1.72 26.20
C VAL A 98 4.59 1.48 25.27
N THR A 99 4.32 1.18 24.00
CA THR A 99 5.36 0.98 23.01
C THR A 99 5.06 1.84 21.78
N ILE A 100 5.85 2.90 21.62
CA ILE A 100 5.82 3.78 20.47
C ILE A 100 6.61 3.11 19.31
N ILE A 101 6.05 3.14 18.09
CA ILE A 101 6.62 2.54 16.90
C ILE A 101 6.85 3.66 15.88
N ALA A 102 8.10 4.06 15.72
CA ALA A 102 8.45 5.24 14.96
C ALA A 102 9.87 5.13 14.48
N GLN A 103 10.06 5.41 13.21
CA GLN A 103 11.37 5.38 12.61
C GLN A 103 12.17 6.54 13.14
N ALA A 104 11.47 7.67 13.29
CA ALA A 104 12.01 8.92 13.81
C ALA A 104 10.81 9.77 14.23
N PRO A 105 10.99 10.77 15.09
CA PRO A 105 12.26 11.10 15.73
C PRO A 105 12.65 10.14 16.83
N LYS A 106 13.84 10.32 17.39
CA LYS A 106 14.30 9.51 18.47
C LYS A 106 13.43 9.93 19.67
N MET A 107 12.91 8.92 20.35
CA MET A 107 11.95 9.14 21.44
C MET A 107 12.61 9.22 22.81
N LEU A 108 13.67 8.43 23.03
CA LEU A 108 14.09 8.13 24.43
C LEU A 108 14.47 9.35 25.30
N PRO A 109 15.05 10.43 24.75
CA PRO A 109 15.25 11.66 25.53
C PRO A 109 13.99 12.38 26.02
N HIS A 110 12.83 12.07 25.42
CA HIS A 110 11.57 12.67 25.83
C HIS A 110 10.75 11.75 26.69
N ILE A 111 11.18 10.50 26.78
CA ILE A 111 10.43 9.46 27.45
C ILE A 111 10.30 9.70 28.96
N PRO A 112 11.38 10.10 29.67
CA PRO A 112 11.23 10.40 31.10
C PRO A 112 10.11 11.38 31.38
N GLN A 113 9.99 12.39 30.55
CA GLN A 113 8.97 13.38 30.75
C GLN A 113 7.59 12.84 30.43
N MET A 114 7.54 11.96 29.45
CA MET A 114 6.27 11.34 29.10
C MET A 114 5.77 10.56 30.30
N ARG A 115 6.67 9.85 30.95
CA ARG A 115 6.28 9.01 32.06
C ARG A 115 5.70 9.81 33.24
N VAL A 116 6.26 11.00 33.48
CA VAL A 116 5.84 11.90 34.56
C VAL A 116 4.46 12.43 34.24
N PHE A 117 4.24 12.91 33.03
CA PHE A 117 2.91 13.35 32.66
C PHE A 117 1.85 12.22 32.83
N ILE A 118 2.17 11.01 32.40
CA ILE A 118 1.17 9.93 32.46
C ILE A 118 0.90 9.62 33.95
N ALA A 119 1.96 9.58 34.71
CA ALA A 119 1.88 9.24 36.14
C ALA A 119 1.08 10.30 36.90
N GLU A 120 1.33 11.58 36.58
CA GLU A 120 0.50 12.71 37.08
C GLU A 120 -0.96 12.54 36.69
N ASP A 121 -1.22 12.31 35.40
CA ASP A 121 -2.60 12.20 34.93
C ASP A 121 -3.36 11.01 35.56
N LEU A 122 -2.66 9.97 35.95
CA LEU A 122 -3.27 8.74 36.41
C LEU A 122 -3.18 8.62 37.95
N GLY A 123 -2.61 9.61 38.62
CA GLY A 123 -2.42 9.59 40.08
C GLY A 123 -1.62 8.41 40.61
N CYS A 124 -0.65 7.92 39.85
CA CYS A 124 0.11 6.74 40.23
C CYS A 124 1.60 7.06 40.44
N HIS A 125 2.35 6.06 40.86
CA HIS A 125 3.78 6.16 41.01
C HIS A 125 4.41 6.05 39.65
N MET A 126 5.53 6.74 39.47
CA MET A 126 6.29 6.67 38.24
C MET A 126 6.66 5.24 37.86
N ASP A 127 6.93 4.42 38.88
CA ASP A 127 7.29 3.02 38.76
C ASP A 127 6.14 2.16 38.22
N ASP A 128 4.95 2.74 38.13
CA ASP A 128 3.81 2.04 37.56
C ASP A 128 3.68 2.30 36.04
N VAL A 129 4.59 3.08 35.49
CA VAL A 129 4.46 3.59 34.14
C VAL A 129 5.73 3.26 33.39
N ASN A 130 5.58 2.59 32.24
CA ASN A 130 6.69 2.29 31.38
C ASN A 130 6.37 2.75 29.96
N VAL A 131 7.32 3.46 29.36
CA VAL A 131 7.21 3.86 27.98
C VAL A 131 8.51 3.44 27.31
N LYS A 132 8.35 2.92 26.10
CA LYS A 132 9.49 2.63 25.25
C LYS A 132 9.18 2.93 23.78
N ALA A 133 10.22 2.82 22.96
CA ALA A 133 10.08 3.06 21.54
C ALA A 133 10.89 2.03 20.74
N THR A 134 10.46 1.83 19.52
CA THR A 134 11.14 0.94 18.60
C THR A 134 10.83 1.37 17.16
N THR A 135 11.76 1.06 16.26
CA THR A 135 11.55 1.24 14.81
C THR A 135 11.13 -0.07 14.23
N THR A 136 10.74 -0.01 12.95
CA THR A 136 10.49 -1.17 12.14
C THR A 136 11.54 -1.26 11.05
N GLU A 137 12.74 -0.75 11.33
CA GLU A 137 13.93 -0.97 10.51
C GLU A 137 13.66 -0.61 9.04
N LYS A 138 12.98 0.50 8.81
CA LYS A 138 12.67 1.02 7.47
C LYS A 138 11.55 0.34 6.70
N LEU A 139 10.85 -0.59 7.36
CA LEU A 139 9.81 -1.36 6.72
C LEU A 139 8.45 -0.79 7.12
N GLY A 140 7.50 -0.92 6.18
CA GLY A 140 6.12 -0.56 6.43
C GLY A 140 5.88 0.92 6.39
N PHE A 141 4.65 1.34 6.68
CA PHE A 141 4.31 2.76 6.64
C PHE A 141 5.11 3.55 7.68
N THR A 142 5.43 2.96 8.84
CA THR A 142 6.28 3.66 9.78
C THR A 142 7.72 3.76 9.33
N GLY A 143 8.26 2.72 8.72
CA GLY A 143 9.64 2.69 8.26
C GLY A 143 9.88 3.65 7.13
N ARG A 144 8.83 3.87 6.33
CA ARG A 144 8.84 4.83 5.24
C ARG A 144 8.61 6.26 5.72
N GLY A 145 8.36 6.45 7.01
CA GLY A 145 8.22 7.79 7.54
C GLY A 145 6.90 8.43 7.24
N GLU A 146 5.88 7.62 7.05
CA GLU A 146 4.54 8.14 6.72
C GLU A 146 3.69 8.50 7.93
N GLY A 147 3.98 7.82 9.05
CA GLY A 147 3.24 7.96 10.27
C GLY A 147 3.96 7.30 11.43
N ILE A 148 3.33 7.40 12.59
CA ILE A 148 3.81 6.79 13.80
C ILE A 148 2.70 5.97 14.38
N ALA A 149 3.04 4.89 15.08
CA ALA A 149 2.04 4.04 15.71
C ALA A 149 2.39 3.89 17.18
N CYS A 150 1.49 3.29 17.92
CA CYS A 150 1.74 3.03 19.33
C CYS A 150 0.84 1.92 19.77
N GLU A 151 1.37 1.04 20.62
CA GLU A 151 0.62 0.02 21.27
C GLU A 151 0.78 0.23 22.77
N ALA A 152 -0.23 -0.18 23.51
CA ALA A 152 -0.23 0.01 24.98
C ALA A 152 -0.99 -1.10 25.59
N VAL A 153 -0.58 -1.45 26.79
CA VAL A 153 -1.32 -2.39 27.63
C VAL A 153 -1.48 -1.79 29.04
N ALA A 154 -2.50 -2.26 29.74
CA ALA A 154 -2.80 -1.78 31.05
C ALA A 154 -3.39 -2.88 31.92
N LEU A 155 -3.11 -2.76 33.20
CA LEU A 155 -3.67 -3.61 34.22
C LEU A 155 -4.31 -2.66 35.23
N LEU A 156 -5.62 -2.83 35.43
CA LEU A 156 -6.41 -2.16 36.46
C LEU A 156 -6.68 -3.10 37.60
N ILE A 157 -6.94 -2.57 38.79
CA ILE A 157 -7.36 -3.37 39.96
C ILE A 157 -8.76 -2.93 40.43
N LYS A 158 -9.53 -3.90 40.91
CA LYS A 158 -10.72 -3.65 41.75
C LYS A 158 -10.58 -4.36 43.11
N LEU B 1 -6.45 -15.44 41.54
CA LEU B 1 -5.28 -15.83 42.37
C LEU B 1 -4.09 -16.04 41.44
N GLU B 2 -4.09 -17.14 40.70
CA GLU B 2 -3.21 -17.29 39.58
C GLU B 2 -3.97 -16.66 38.43
N MET B 3 -3.47 -15.56 37.90
CA MET B 3 -3.99 -15.06 36.64
C MET B 3 -2.93 -15.25 35.56
N ARG B 4 -3.41 -15.41 34.34
CA ARG B 4 -2.55 -15.61 33.19
C ARG B 4 -2.96 -14.75 31.99
N ILE B 5 -1.96 -14.23 31.29
CA ILE B 5 -2.14 -13.33 30.15
C ILE B 5 -1.95 -14.09 28.83
N GLY B 6 -2.74 -13.69 27.83
CA GLY B 6 -2.53 -14.12 26.46
C GLY B 6 -2.86 -13.01 25.45
N HIS B 7 -2.25 -13.14 24.26
CA HIS B 7 -2.34 -12.16 23.21
C HIS B 7 -2.64 -12.89 21.89
N GLY B 8 -3.40 -12.24 21.00
CA GLY B 8 -3.80 -12.81 19.75
C GLY B 8 -3.67 -11.75 18.67
N PHE B 9 -3.30 -12.19 17.48
CA PHE B 9 -3.20 -11.28 16.34
C PHE B 9 -3.60 -12.05 15.10
N ASP B 10 -4.48 -11.43 14.31
CA ASP B 10 -4.96 -12.01 13.10
C ASP B 10 -5.20 -10.95 12.01
N VAL B 11 -5.01 -11.40 10.78
CA VAL B 11 -5.20 -10.56 9.60
C VAL B 11 -5.90 -11.42 8.55
N HIS B 12 -6.88 -10.84 7.89
CA HIS B 12 -7.37 -11.35 6.62
C HIS B 12 -7.45 -10.23 5.57
N ALA B 13 -7.21 -10.66 4.33
CA ALA B 13 -7.30 -9.80 3.16
C ALA B 13 -8.74 -9.71 2.69
N PHE B 14 -9.15 -8.57 2.19
CA PHE B 14 -10.45 -8.49 1.56
C PHE B 14 -10.43 -9.27 0.26
N GLY B 15 -11.56 -9.87 -0.06
CA GLY B 15 -11.77 -10.56 -1.33
C GLY B 15 -13.23 -10.91 -1.53
N GLY B 16 -13.67 -11.02 -2.78
CA GLY B 16 -15.06 -11.33 -3.09
C GLY B 16 -16.07 -10.29 -2.60
N GLU B 17 -17.27 -10.75 -2.28
CA GLU B 17 -18.38 -9.87 -1.95
C GLU B 17 -18.63 -9.90 -0.46
N GLY B 18 -19.17 -8.81 0.07
CA GLY B 18 -19.59 -8.75 1.46
C GLY B 18 -20.73 -9.72 1.67
N PRO B 19 -21.33 -9.75 2.86
CA PRO B 19 -20.85 -9.03 4.04
C PRO B 19 -19.57 -9.63 4.64
N ILE B 20 -18.90 -8.89 5.52
CA ILE B 20 -17.83 -9.45 6.35
C ILE B 20 -18.46 -9.89 7.68
N ILE B 21 -17.82 -10.81 8.37
CA ILE B 21 -18.30 -11.26 9.68
C ILE B 21 -17.23 -10.96 10.70
N ILE B 22 -17.57 -10.09 11.66
CA ILE B 22 -16.62 -9.62 12.66
C ILE B 22 -17.29 -9.74 14.03
N GLY B 23 -16.66 -10.46 14.95
CA GLY B 23 -17.20 -10.67 16.29
C GLY B 23 -18.55 -11.34 16.21
N GLY B 24 -18.70 -12.16 15.16
CA GLY B 24 -19.91 -12.93 14.90
C GLY B 24 -21.03 -12.12 14.29
N VAL B 25 -20.77 -10.88 13.89
CA VAL B 25 -21.81 -10.01 13.36
C VAL B 25 -21.54 -9.78 11.89
N ARG B 26 -22.62 -9.92 11.09
CA ARG B 26 -22.56 -9.71 9.64
C ARG B 26 -22.61 -8.23 9.39
N ILE B 27 -21.55 -7.66 8.83
CA ILE B 27 -21.51 -6.23 8.56
C ILE B 27 -21.50 -6.01 7.04
N PRO B 28 -22.44 -5.20 6.51
CA PRO B 28 -22.46 -5.01 5.05
C PRO B 28 -21.20 -4.34 4.59
N TYR B 29 -20.61 -4.86 3.55
CA TYR B 29 -19.48 -4.21 2.92
C TYR B 29 -19.42 -4.56 1.43
N GLU B 30 -18.68 -3.75 0.67
CA GLU B 30 -18.52 -3.93 -0.77
C GLU B 30 -17.62 -5.15 -1.03
N LYS B 31 -16.77 -5.48 -0.05
CA LYS B 31 -15.89 -6.62 -0.14
C LYS B 31 -16.18 -7.60 1.01
N GLY B 32 -15.89 -8.87 0.78
CA GLY B 32 -15.88 -9.90 1.82
C GLY B 32 -14.47 -10.10 2.36
N LEU B 33 -14.28 -11.17 3.13
CA LEU B 33 -12.94 -11.50 3.61
C LEU B 33 -12.52 -12.90 3.16
N LEU B 34 -11.36 -12.96 2.52
CA LEU B 34 -10.71 -14.22 2.14
C LEU B 34 -10.21 -15.01 3.34
N ALA B 35 -10.76 -16.21 3.51
CA ALA B 35 -10.29 -17.11 4.53
C ALA B 35 -10.81 -18.51 4.26
N HIS B 36 -10.07 -19.50 4.74
CA HIS B 36 -10.54 -20.89 4.66
C HIS B 36 -11.74 -21.02 5.58
N SER B 37 -11.66 -20.29 6.70
CA SER B 37 -12.74 -20.18 7.67
C SER B 37 -13.69 -19.08 7.20
N ASP B 38 -14.63 -18.68 8.06
CA ASP B 38 -15.46 -17.51 7.78
C ASP B 38 -14.72 -16.16 7.81
N GLY B 39 -13.44 -16.15 8.16
CA GLY B 39 -12.65 -14.92 8.11
C GLY B 39 -12.87 -13.94 9.28
N ASP B 40 -13.47 -14.41 10.37
CA ASP B 40 -13.78 -13.59 11.53
C ASP B 40 -12.49 -13.29 12.32
N VAL B 41 -11.88 -12.20 11.93
CA VAL B 41 -10.56 -11.77 12.42
C VAL B 41 -10.58 -11.45 13.92
N ALA B 42 -11.71 -10.95 14.40
CA ALA B 42 -11.85 -10.64 15.82
C ALA B 42 -11.94 -11.87 16.68
N LEU B 43 -12.77 -12.83 16.27
CA LEU B 43 -12.93 -14.06 17.06
C LEU B 43 -11.69 -14.92 16.98
N HIS B 44 -11.01 -14.87 15.85
CA HIS B 44 -9.77 -15.61 15.62
C HIS B 44 -8.62 -15.08 16.55
N ALA B 45 -8.47 -13.77 16.62
CA ALA B 45 -7.45 -13.17 17.47
C ALA B 45 -7.85 -13.41 18.93
N LEU B 46 -9.13 -13.35 19.23
CA LEU B 46 -9.60 -13.56 20.63
C LEU B 46 -9.32 -14.99 21.08
N THR B 47 -9.67 -15.93 20.22
CA THR B 47 -9.37 -17.32 20.38
C THR B 47 -7.87 -17.56 20.63
N ASP B 48 -7.00 -16.94 19.85
CA ASP B 48 -5.57 -17.12 20.08
C ASP B 48 -5.09 -16.51 21.40
N ALA B 49 -5.63 -15.34 21.80
CA ALA B 49 -5.34 -14.76 23.12
C ALA B 49 -5.71 -15.70 24.25
N LEU B 50 -6.92 -16.24 24.22
CA LEU B 50 -7.36 -17.20 25.24
C LEU B 50 -6.50 -18.47 25.27
N LEU B 51 -6.15 -19.02 24.11
CA LEU B 51 -5.35 -20.24 24.00
C LEU B 51 -3.93 -19.93 24.49
N GLY B 52 -3.47 -18.75 24.09
CA GLY B 52 -2.21 -18.19 24.50
C GLY B 52 -2.09 -18.11 26.02
N ALA B 53 -3.14 -17.64 26.65
CA ALA B 53 -3.11 -17.52 28.12
C ALA B 53 -3.01 -18.87 28.79
N ALA B 54 -3.54 -19.89 28.14
CA ALA B 54 -3.62 -21.25 28.69
C ALA B 54 -2.43 -22.10 28.26
N ALA B 55 -1.46 -21.49 27.58
CA ALA B 55 -0.36 -22.19 26.92
C ALA B 55 -0.79 -23.38 26.05
N LEU B 56 -1.85 -23.20 25.25
CA LEU B 56 -2.34 -24.25 24.36
C LEU B 56 -1.98 -23.99 22.89
N GLY B 57 -1.02 -23.10 22.64
CA GLY B 57 -0.47 -22.89 21.31
C GLY B 57 -1.28 -21.86 20.57
N ASP B 58 -2.10 -22.29 19.60
CA ASP B 58 -2.97 -21.36 18.86
C ASP B 58 -4.09 -22.12 18.11
N ILE B 59 -4.96 -21.39 17.41
CA ILE B 59 -6.01 -22.02 16.61
C ILE B 59 -5.49 -23.09 15.62
N GLY B 60 -4.33 -22.85 15.02
CA GLY B 60 -3.80 -23.73 13.99
C GLY B 60 -3.42 -25.06 14.61
N LYS B 61 -2.84 -25.00 15.80
CA LYS B 61 -2.47 -26.20 16.52
C LYS B 61 -3.71 -27.00 16.95
N LEU B 62 -4.75 -26.32 17.43
CA LEU B 62 -5.98 -27.01 17.83
C LEU B 62 -6.75 -27.53 16.64
N PHE B 63 -6.79 -26.77 15.56
CA PHE B 63 -7.59 -27.11 14.41
C PHE B 63 -6.72 -27.10 13.15
N PRO B 64 -5.88 -28.13 12.99
CA PRO B 64 -5.00 -28.21 11.81
C PRO B 64 -5.74 -28.23 10.48
N ASP B 65 -5.04 -27.81 9.43
CA ASP B 65 -5.61 -27.79 8.08
C ASP B 65 -6.08 -29.17 7.69
N THR B 66 -5.32 -30.17 8.16
CA THR B 66 -5.50 -31.56 7.79
C THR B 66 -6.45 -32.35 8.71
N ASP B 67 -7.00 -31.70 9.76
CA ASP B 67 -7.98 -32.36 10.63
C ASP B 67 -9.36 -32.06 10.08
N PRO B 68 -10.08 -33.10 9.64
CA PRO B 68 -11.43 -32.91 9.08
C PRO B 68 -12.46 -32.45 10.11
N ALA B 69 -12.32 -32.93 11.35
CA ALA B 69 -13.26 -32.60 12.40
C ALA B 69 -13.89 -31.20 12.30
N PHE B 70 -13.06 -30.15 12.25
CA PHE B 70 -13.57 -28.79 12.32
C PHE B 70 -13.46 -28.02 11.01
N LYS B 71 -13.01 -28.69 9.95
CA LYS B 71 -13.07 -28.08 8.61
C LYS B 71 -14.48 -27.59 8.36
N GLY B 72 -14.60 -26.32 7.99
CA GLY B 72 -15.89 -25.73 7.73
C GLY B 72 -16.65 -25.15 8.91
N ALA B 73 -16.15 -25.32 10.14
CA ALA B 73 -16.81 -24.69 11.30
C ALA B 73 -16.68 -23.19 11.22
N ASP B 74 -17.71 -22.47 11.68
CA ASP B 74 -17.64 -21.02 11.80
C ASP B 74 -16.86 -20.64 13.09
N SER B 75 -16.50 -19.38 13.20
CA SER B 75 -15.52 -18.97 14.22
C SER B 75 -16.05 -19.02 15.64
N ARG B 76 -17.37 -18.89 15.78
CA ARG B 76 -17.98 -18.94 17.09
C ARG B 76 -17.94 -20.35 17.57
N GLU B 77 -18.04 -21.32 16.65
CA GLU B 77 -17.93 -22.73 17.01
C GLU B 77 -16.50 -23.04 17.45
N LEU B 78 -15.51 -22.53 16.73
CA LEU B 78 -14.11 -22.72 17.09
C LEU B 78 -13.81 -22.06 18.43
N LEU B 79 -14.32 -20.86 18.62
CA LEU B 79 -14.14 -20.12 19.86
C LEU B 79 -14.71 -20.94 21.03
N ARG B 80 -15.91 -21.48 20.83
CA ARG B 80 -16.62 -22.24 21.87
C ARG B 80 -15.91 -23.54 22.20
N GLU B 81 -15.31 -24.18 21.21
CA GLU B 81 -14.51 -25.41 21.40
C GLU B 81 -13.12 -25.14 22.04
N ALA B 82 -12.44 -24.10 21.54
CA ALA B 82 -11.19 -23.64 22.15
C ALA B 82 -11.46 -23.40 23.62
N TRP B 83 -12.52 -22.65 23.89
CA TRP B 83 -12.90 -22.33 25.25
C TRP B 83 -13.20 -23.57 26.08
N ARG B 84 -13.86 -24.56 25.50
CA ARG B 84 -14.12 -25.82 26.22
C ARG B 84 -12.79 -26.45 26.65
N ARG B 85 -11.84 -26.49 25.73
CA ARG B 85 -10.55 -27.09 26.00
C ARG B 85 -9.75 -26.26 27.04
N ILE B 86 -9.92 -24.95 27.03
CA ILE B 86 -9.21 -24.12 28.01
C ILE B 86 -9.79 -24.38 29.42
N GLN B 87 -11.11 -24.52 29.51
CA GLN B 87 -11.76 -24.72 30.81
C GLN B 87 -11.45 -26.13 31.36
N ALA B 88 -11.17 -27.08 30.46
CA ALA B 88 -10.81 -28.45 30.87
C ALA B 88 -9.42 -28.52 31.56
N LYS B 89 -8.62 -27.47 31.38
CA LYS B 89 -7.38 -27.31 32.15
C LYS B 89 -7.62 -26.61 33.48
N GLY B 90 -8.84 -26.21 33.79
CA GLY B 90 -9.16 -25.60 35.06
C GLY B 90 -9.17 -24.07 35.09
N TYR B 91 -9.06 -23.43 33.93
CA TYR B 91 -9.16 -21.98 33.82
C TYR B 91 -10.58 -21.47 33.73
N THR B 92 -10.82 -20.32 34.34
CA THR B 92 -12.03 -19.53 34.09
C THR B 92 -11.64 -18.12 33.57
N LEU B 93 -12.64 -17.34 33.18
CA LEU B 93 -12.42 -16.04 32.60
C LEU B 93 -12.19 -14.92 33.58
N GLY B 94 -11.12 -14.15 33.37
CA GLY B 94 -10.97 -12.85 33.99
C GLY B 94 -11.64 -11.80 33.14
N ASN B 95 -10.99 -11.37 32.06
CA ASN B 95 -11.67 -10.46 31.14
C ASN B 95 -10.97 -10.50 29.78
N VAL B 96 -11.60 -9.90 28.79
CA VAL B 96 -10.99 -9.80 27.46
C VAL B 96 -11.19 -8.44 26.84
N ASP B 97 -10.26 -8.10 25.94
CA ASP B 97 -10.29 -6.85 25.23
C ASP B 97 -9.79 -7.07 23.83
N VAL B 98 -10.56 -6.56 22.87
CA VAL B 98 -10.34 -6.80 21.44
C VAL B 98 -10.20 -5.48 20.73
N THR B 99 -9.24 -5.38 19.80
CA THR B 99 -8.96 -4.14 19.13
C THR B 99 -8.94 -4.42 17.63
N ILE B 100 -10.01 -4.05 16.94
CA ILE B 100 -10.17 -4.24 15.50
C ILE B 100 -9.44 -3.08 14.83
N ILE B 101 -8.60 -3.39 13.84
CA ILE B 101 -7.87 -2.40 13.11
C ILE B 101 -8.39 -2.46 11.65
N ALA B 102 -9.18 -1.47 11.31
CA ALA B 102 -9.91 -1.42 10.05
C ALA B 102 -10.15 0.02 9.68
N GLN B 103 -9.87 0.37 8.42
CA GLN B 103 -10.18 1.69 7.93
C GLN B 103 -11.70 1.79 7.79
N ALA B 104 -12.31 0.70 7.36
CA ALA B 104 -13.73 0.60 7.11
C ALA B 104 -14.05 -0.87 7.04
N PRO B 105 -15.30 -1.28 7.25
CA PRO B 105 -16.43 -0.43 7.60
C PRO B 105 -16.40 0.03 9.06
N LYS B 106 -17.33 0.93 9.38
CA LYS B 106 -17.50 1.41 10.74
C LYS B 106 -17.96 0.26 11.65
N MET B 107 -17.19 -0.03 12.68
CA MET B 107 -17.46 -1.13 13.61
C MET B 107 -18.38 -0.74 14.77
N LEU B 108 -18.27 0.51 15.23
CA LEU B 108 -18.84 0.89 16.53
C LEU B 108 -20.34 0.58 16.68
N PRO B 109 -21.15 0.81 15.65
CA PRO B 109 -22.59 0.46 15.74
C PRO B 109 -22.83 -1.02 15.96
N HIS B 110 -21.93 -1.89 15.51
CA HIS B 110 -22.07 -3.35 15.68
C HIS B 110 -21.36 -3.95 16.88
N ILE B 111 -20.57 -3.15 17.58
CA ILE B 111 -19.83 -3.62 18.74
C ILE B 111 -20.74 -4.16 19.86
N PRO B 112 -21.82 -3.46 20.21
CA PRO B 112 -22.74 -4.00 21.23
C PRO B 112 -23.13 -5.47 20.98
N GLN B 113 -23.48 -5.83 19.75
CA GLN B 113 -23.88 -7.19 19.41
C GLN B 113 -22.70 -8.18 19.44
N MET B 114 -21.54 -7.76 18.94
CA MET B 114 -20.34 -8.57 19.06
C MET B 114 -20.12 -8.94 20.55
N ARG B 115 -20.29 -7.98 21.45
CA ARG B 115 -20.05 -8.20 22.86
C ARG B 115 -21.04 -9.20 23.40
N VAL B 116 -22.32 -9.08 23.00
CA VAL B 116 -23.33 -10.07 23.41
C VAL B 116 -22.93 -11.48 22.99
N PHE B 117 -22.48 -11.64 21.76
CA PHE B 117 -22.15 -12.96 21.26
C PHE B 117 -20.91 -13.56 21.94
N ILE B 118 -19.91 -12.74 22.18
CA ILE B 118 -18.70 -13.20 22.86
C ILE B 118 -19.04 -13.62 24.31
N ALA B 119 -19.84 -12.83 25.00
CA ALA B 119 -20.20 -13.13 26.41
C ALA B 119 -20.95 -14.43 26.56
N GLU B 120 -21.87 -14.70 25.63
CA GLU B 120 -22.60 -15.97 25.58
C GLU B 120 -21.68 -17.16 25.20
N ASP B 121 -20.76 -16.96 24.27
CA ASP B 121 -19.80 -18.00 23.92
C ASP B 121 -18.84 -18.34 25.10
N LEU B 122 -18.58 -17.35 25.97
CA LEU B 122 -17.60 -17.52 27.02
C LEU B 122 -18.30 -17.68 28.36
N GLY B 123 -19.64 -17.66 28.35
CA GLY B 123 -20.45 -17.79 29.55
C GLY B 123 -20.16 -16.75 30.61
N CYS B 124 -19.88 -15.52 30.20
CA CYS B 124 -19.50 -14.45 31.12
C CYS B 124 -20.49 -13.31 31.02
N HIS B 125 -20.31 -12.32 31.89
CA HIS B 125 -21.07 -11.10 31.88
C HIS B 125 -20.52 -10.18 30.81
N MET B 126 -21.40 -9.31 30.30
CA MET B 126 -21.06 -8.33 29.29
C MET B 126 -19.86 -7.52 29.74
N ASP B 127 -19.87 -7.18 31.02
CA ASP B 127 -18.87 -6.34 31.62
C ASP B 127 -17.44 -6.90 31.61
N ASP B 128 -17.26 -8.14 31.28
CA ASP B 128 -15.95 -8.73 31.19
C ASP B 128 -15.42 -8.75 29.79
N VAL B 129 -16.17 -8.16 28.85
CA VAL B 129 -15.82 -8.21 27.43
C VAL B 129 -15.84 -6.79 26.87
N ASN B 130 -14.72 -6.41 26.25
CA ASN B 130 -14.64 -5.14 25.61
C ASN B 130 -14.20 -5.36 24.16
N VAL B 131 -14.77 -4.58 23.27
CA VAL B 131 -14.34 -4.60 21.89
C VAL B 131 -14.26 -3.15 21.44
N LYS B 132 -13.22 -2.85 20.66
CA LYS B 132 -13.05 -1.54 20.14
C LYS B 132 -12.55 -1.60 18.73
N ALA B 133 -12.50 -0.45 18.11
CA ALA B 133 -11.89 -0.37 16.80
C ALA B 133 -11.12 0.90 16.59
N THR B 134 -10.10 0.83 15.71
CA THR B 134 -9.36 2.01 15.31
C THR B 134 -9.05 1.90 13.80
N THR B 135 -8.90 3.04 13.15
CA THR B 135 -8.34 3.08 11.80
C THR B 135 -6.84 3.25 11.92
N THR B 136 -6.16 3.25 10.79
CA THR B 136 -4.75 3.61 10.71
C THR B 136 -4.53 4.87 9.90
N GLU B 137 -5.57 5.70 9.86
CA GLU B 137 -5.48 7.00 9.24
C GLU B 137 -5.02 6.87 7.79
N LYS B 138 -5.62 5.93 7.07
CA LYS B 138 -5.32 5.61 5.67
C LYS B 138 -3.92 5.11 5.39
N LEU B 139 -3.21 4.66 6.44
CA LEU B 139 -1.86 4.13 6.27
C LEU B 139 -1.79 2.62 6.40
N GLY B 140 -0.79 2.04 5.71
CA GLY B 140 -0.57 0.61 5.74
C GLY B 140 -1.60 -0.17 4.98
N PHE B 141 -1.51 -1.48 5.05
CA PHE B 141 -2.46 -2.34 4.33
C PHE B 141 -3.90 -2.14 4.81
N THR B 142 -4.08 -1.92 6.11
CA THR B 142 -5.40 -1.65 6.62
C THR B 142 -5.89 -0.28 6.14
N GLY B 143 -5.05 0.71 6.26
CA GLY B 143 -5.43 2.03 5.85
C GLY B 143 -5.79 2.16 4.39
N ARG B 144 -5.25 1.27 3.56
CA ARG B 144 -5.49 1.32 2.10
C ARG B 144 -6.69 0.48 1.75
N GLY B 145 -7.25 -0.23 2.72
CA GLY B 145 -8.40 -1.06 2.44
C GLY B 145 -8.07 -2.39 1.82
N GLU B 146 -6.87 -2.89 2.05
CA GLU B 146 -6.51 -4.21 1.57
C GLU B 146 -6.97 -5.36 2.50
N GLY B 147 -7.28 -5.01 3.74
CA GLY B 147 -7.72 -6.04 4.67
C GLY B 147 -7.92 -5.44 6.05
N ILE B 148 -8.13 -6.34 7.02
CA ILE B 148 -8.44 -5.96 8.40
C ILE B 148 -7.56 -6.77 9.31
N ALA B 149 -7.07 -6.17 10.38
CA ALA B 149 -6.28 -6.85 11.38
C ALA B 149 -7.06 -6.77 12.71
N CYS B 150 -6.60 -7.52 13.69
CA CYS B 150 -7.22 -7.47 15.00
C CYS B 150 -6.25 -8.00 16.01
N GLU B 151 -6.18 -7.29 17.13
CA GLU B 151 -5.42 -7.79 18.29
C GLU B 151 -6.35 -8.05 19.42
N ALA B 152 -5.98 -8.96 20.29
CA ALA B 152 -6.80 -9.23 21.44
C ALA B 152 -5.90 -9.59 22.60
N VAL B 153 -6.35 -9.30 23.79
CA VAL B 153 -5.68 -9.74 25.00
C VAL B 153 -6.72 -10.36 25.91
N ALA B 154 -6.27 -11.24 26.79
CA ALA B 154 -7.16 -11.97 27.65
C ALA B 154 -6.45 -12.20 28.97
N LEU B 155 -7.25 -12.29 30.00
CA LEU B 155 -6.78 -12.67 31.33
C LEU B 155 -7.66 -13.83 31.76
N LEU B 156 -7.02 -14.92 32.17
CA LEU B 156 -7.69 -16.10 32.70
C LEU B 156 -7.31 -16.22 34.15
N ILE B 157 -8.14 -16.92 34.91
CA ILE B 157 -7.88 -17.22 36.32
C ILE B 157 -7.78 -18.74 36.49
N LYS B 158 -6.83 -19.24 37.29
CA LYS B 158 -6.90 -20.65 37.75
C LYS B 158 -7.53 -20.72 39.13
N GLU C 2 0.77 -8.79 44.09
CA GLU C 2 0.71 -7.84 42.93
C GLU C 2 1.10 -8.57 41.63
N MET C 3 0.40 -8.28 40.54
CA MET C 3 0.84 -8.69 39.23
C MET C 3 1.04 -7.46 38.33
N ARG C 4 1.97 -7.60 37.38
CA ARG C 4 2.28 -6.49 36.47
C ARG C 4 2.32 -6.99 35.02
N ILE C 5 1.92 -6.11 34.09
CA ILE C 5 1.82 -6.43 32.66
C ILE C 5 2.88 -5.70 31.85
N GLY C 6 3.35 -6.37 30.80
CA GLY C 6 4.32 -5.78 29.90
C GLY C 6 4.01 -6.18 28.49
N HIS C 7 4.48 -5.33 27.58
CA HIS C 7 4.27 -5.49 26.14
C HIS C 7 5.57 -5.19 25.40
N GLY C 8 5.85 -6.02 24.42
CA GLY C 8 6.98 -5.81 23.55
C GLY C 8 6.65 -6.05 22.11
N PHE C 9 7.40 -5.36 21.27
CA PHE C 9 7.26 -5.44 19.82
C PHE C 9 8.63 -5.23 19.18
N ASP C 10 8.93 -6.01 18.16
CA ASP C 10 10.21 -5.89 17.47
C ASP C 10 10.07 -6.31 16.03
N VAL C 11 10.96 -5.81 15.21
CA VAL C 11 10.94 -6.05 13.77
C VAL C 11 12.37 -6.08 13.33
N HIS C 12 12.72 -7.06 12.51
CA HIS C 12 13.95 -6.97 11.69
C HIS C 12 13.70 -7.28 10.23
N ALA C 13 14.41 -6.58 9.35
CA ALA C 13 14.34 -6.78 7.89
C ALA C 13 15.23 -7.94 7.44
N PHE C 14 14.78 -8.69 6.46
CA PHE C 14 15.58 -9.71 5.80
C PHE C 14 16.73 -9.06 5.01
N GLY C 15 17.83 -9.81 4.90
CA GLY C 15 19.06 -9.34 4.28
C GLY C 15 20.20 -10.28 4.63
N GLY C 16 21.26 -10.30 3.81
CA GLY C 16 22.34 -11.23 4.00
C GLY C 16 21.84 -12.63 3.76
N GLU C 17 22.61 -13.63 4.17
CA GLU C 17 22.21 -15.03 3.99
C GLU C 17 21.69 -15.57 5.33
N GLY C 18 20.89 -16.60 5.25
CA GLY C 18 20.46 -17.34 6.41
C GLY C 18 21.63 -17.96 7.16
N PRO C 19 21.35 -18.67 8.26
CA PRO C 19 20.00 -18.85 8.80
C PRO C 19 19.62 -17.66 9.68
N ILE C 20 18.36 -17.60 10.04
CA ILE C 20 17.86 -16.64 11.02
C ILE C 20 17.80 -17.37 12.36
N ILE C 21 17.73 -16.62 13.46
CA ILE C 21 17.54 -17.18 14.79
C ILE C 21 16.29 -16.56 15.42
N ILE C 22 15.29 -17.39 15.74
CA ILE C 22 14.03 -17.01 16.38
C ILE C 22 13.81 -17.87 17.67
N GLY C 23 13.59 -17.23 18.80
CA GLY C 23 13.44 -17.92 20.08
C GLY C 23 14.62 -18.83 20.41
N GLY C 24 15.81 -18.40 20.03
CA GLY C 24 17.03 -19.14 20.23
C GLY C 24 17.29 -20.28 19.24
N VAL C 25 16.36 -20.53 18.33
CA VAL C 25 16.41 -21.69 17.47
C VAL C 25 16.83 -21.23 16.08
N ARG C 26 17.87 -21.87 15.56
CA ARG C 26 18.34 -21.62 14.19
C ARG C 26 17.41 -22.26 13.15
N ILE C 27 17.03 -21.44 12.15
CA ILE C 27 16.09 -21.84 11.15
C ILE C 27 16.72 -21.47 9.80
N PRO C 28 16.96 -22.45 8.94
CA PRO C 28 17.47 -22.17 7.60
C PRO C 28 16.52 -21.28 6.80
N TYR C 29 17.07 -20.38 5.99
CA TYR C 29 16.26 -19.55 5.10
C TYR C 29 17.14 -18.93 3.99
N GLU C 30 16.54 -18.49 2.88
CA GLU C 30 17.30 -17.86 1.78
C GLU C 30 18.07 -16.64 2.23
N LYS C 31 17.57 -16.00 3.29
CA LYS C 31 18.03 -14.71 3.77
C LYS C 31 18.22 -14.72 5.29
N GLY C 32 19.08 -13.85 5.78
CA GLY C 32 19.25 -13.65 7.21
C GLY C 32 18.33 -12.54 7.68
N LEU C 33 18.39 -12.24 8.98
CA LEU C 33 17.74 -11.05 9.52
C LEU C 33 18.85 -10.05 9.80
N LEU C 34 18.75 -8.86 9.20
CA LEU C 34 19.65 -7.75 9.46
C LEU C 34 19.44 -7.17 10.87
N ALA C 35 20.55 -6.94 11.54
CA ALA C 35 20.53 -6.42 12.90
C ALA C 35 21.95 -6.13 13.39
N HIS C 36 22.05 -5.20 14.33
CA HIS C 36 23.29 -4.99 15.06
C HIS C 36 23.61 -6.26 15.86
N SER C 37 22.54 -6.86 16.40
CA SER C 37 22.57 -8.08 17.21
C SER C 37 22.36 -9.32 16.32
N ASP C 38 22.08 -10.48 16.92
CA ASP C 38 21.72 -11.69 16.18
C ASP C 38 20.33 -11.64 15.55
N GLY C 39 19.57 -10.59 15.85
CA GLY C 39 18.33 -10.33 15.17
C GLY C 39 17.16 -11.17 15.63
N ASP C 40 17.23 -11.76 16.82
CA ASP C 40 16.16 -12.60 17.35
C ASP C 40 14.98 -11.75 17.83
N VAL C 41 14.05 -11.52 16.91
CA VAL C 41 12.89 -10.67 17.15
C VAL C 41 12.01 -11.19 18.24
N ALA C 42 11.86 -12.51 18.34
CA ALA C 42 11.01 -13.06 19.38
C ALA C 42 11.61 -12.85 20.77
N LEU C 43 12.91 -13.16 20.93
CA LEU C 43 13.60 -12.85 22.18
C LEU C 43 13.69 -11.38 22.55
N HIS C 44 13.80 -10.48 21.58
CA HIS C 44 13.90 -9.05 21.82
C HIS C 44 12.55 -8.51 22.26
N ALA C 45 11.48 -8.95 21.60
CA ALA C 45 10.12 -8.53 21.94
C ALA C 45 9.78 -9.05 23.34
N LEU C 46 10.15 -10.30 23.61
CA LEU C 46 9.89 -10.92 24.91
C LEU C 46 10.66 -10.18 26.00
N THR C 47 11.94 -9.88 25.74
CA THR C 47 12.77 -9.15 26.68
C THR C 47 12.12 -7.81 27.04
N ASP C 48 11.60 -7.10 26.02
CA ASP C 48 10.99 -5.79 26.20
C ASP C 48 9.71 -5.90 26.97
N ALA C 49 8.92 -6.95 26.75
CA ALA C 49 7.69 -7.14 27.49
C ALA C 49 7.97 -7.36 28.99
N LEU C 50 9.00 -8.16 29.29
CA LEU C 50 9.44 -8.43 30.69
C LEU C 50 10.02 -7.17 31.34
N LEU C 51 10.82 -6.40 30.61
CA LEU C 51 11.34 -5.14 31.11
C LEU C 51 10.23 -4.11 31.34
N GLY C 52 9.24 -4.04 30.43
CA GLY C 52 8.13 -3.10 30.57
C GLY C 52 7.25 -3.40 31.77
N ALA C 53 7.03 -4.68 32.05
CA ALA C 53 6.27 -5.08 33.21
C ALA C 53 6.93 -4.55 34.47
N ALA C 54 8.25 -4.56 34.52
CA ALA C 54 9.00 -4.15 35.67
C ALA C 54 9.40 -2.69 35.60
N ALA C 55 8.88 -1.95 34.61
CA ALA C 55 9.19 -0.56 34.41
C ALA C 55 10.70 -0.30 34.33
N LEU C 56 11.44 -1.14 33.62
CA LEU C 56 12.85 -0.96 33.49
C LEU C 56 13.18 -0.43 32.10
N GLY C 57 12.18 0.01 31.36
CA GLY C 57 12.41 0.67 30.07
C GLY C 57 12.35 -0.29 28.91
N ASP C 58 13.50 -0.56 28.32
CA ASP C 58 13.56 -1.47 27.18
C ASP C 58 14.99 -1.97 26.95
N ILE C 59 15.13 -2.86 26.00
CA ILE C 59 16.40 -3.48 25.67
C ILE C 59 17.51 -2.45 25.31
N GLY C 60 17.16 -1.35 24.64
CA GLY C 60 18.17 -0.34 24.33
C GLY C 60 18.63 0.46 25.52
N LYS C 61 17.71 0.77 26.43
CA LYS C 61 18.07 1.38 27.69
C LYS C 61 18.97 0.51 28.54
N LEU C 62 18.73 -0.80 28.56
CA LEU C 62 19.51 -1.70 29.41
C LEU C 62 20.89 -2.01 28.84
N PHE C 63 20.98 -2.05 27.52
CA PHE C 63 22.18 -2.43 26.80
C PHE C 63 22.54 -1.36 25.76
N PRO C 64 22.92 -0.15 26.19
CA PRO C 64 23.30 0.89 25.23
C PRO C 64 24.62 0.58 24.53
N ASP C 65 24.78 1.14 23.34
CA ASP C 65 25.96 0.93 22.50
C ASP C 65 27.19 1.37 23.27
N THR C 66 26.99 2.23 24.25
CA THR C 66 28.05 2.71 25.09
C THR C 66 28.69 1.56 25.93
N ASP C 67 27.88 0.62 26.43
CA ASP C 67 28.37 -0.44 27.33
C ASP C 67 29.02 -1.59 26.55
N PRO C 68 30.32 -1.83 26.74
CA PRO C 68 30.98 -2.95 26.05
C PRO C 68 30.60 -4.38 26.52
N ALA C 69 30.01 -4.50 27.71
CA ALA C 69 29.75 -5.82 28.33
C ALA C 69 28.94 -6.78 27.46
N PHE C 70 27.87 -6.29 26.84
CA PHE C 70 26.98 -7.14 26.05
C PHE C 70 27.06 -6.88 24.56
N LYS C 71 28.07 -6.16 24.13
CA LYS C 71 28.31 -5.97 22.70
C LYS C 71 28.69 -7.29 22.08
N GLY C 72 28.00 -7.64 20.99
CA GLY C 72 28.14 -8.95 20.36
C GLY C 72 27.49 -10.09 21.15
N ALA C 73 26.84 -9.78 22.27
CA ALA C 73 26.17 -10.83 23.04
C ALA C 73 24.96 -11.36 22.25
N ASP C 74 24.71 -12.65 22.31
CA ASP C 74 23.53 -13.22 21.68
C ASP C 74 22.27 -12.93 22.52
N SER C 75 21.10 -13.15 21.91
CA SER C 75 19.83 -12.68 22.46
C SER C 75 19.40 -13.44 23.72
N ARG C 76 19.86 -14.67 23.88
CA ARG C 76 19.60 -15.42 25.11
C ARG C 76 20.37 -14.89 26.28
N GLU C 77 21.60 -14.45 26.01
CA GLU C 77 22.41 -13.78 27.03
C GLU C 77 21.77 -12.47 27.46
N LEU C 78 21.23 -11.70 26.49
CA LEU C 78 20.52 -10.48 26.83
C LEU C 78 19.26 -10.73 27.65
N LEU C 79 18.51 -11.75 27.28
CA LEU C 79 17.27 -12.09 27.96
C LEU C 79 17.58 -12.43 29.42
N ARG C 80 18.61 -13.23 29.61
CA ARG C 80 19.01 -13.69 30.95
C ARG C 80 19.51 -12.54 31.81
N GLU C 81 20.21 -11.56 31.23
CA GLU C 81 20.66 -10.39 31.99
C GLU C 81 19.49 -9.49 32.38
N ALA C 82 18.61 -9.22 31.44
CA ALA C 82 17.32 -8.55 31.72
C ALA C 82 16.59 -9.25 32.87
N TRP C 83 16.52 -10.57 32.79
CA TRP C 83 15.78 -11.31 33.78
C TRP C 83 16.42 -11.19 35.16
N ARG C 84 17.76 -11.22 35.22
CA ARG C 84 18.49 -10.92 36.46
C ARG C 84 18.16 -9.54 37.03
N ARG C 85 18.16 -8.50 36.19
CA ARG C 85 17.83 -7.17 36.68
C ARG C 85 16.38 -7.14 37.18
N ILE C 86 15.50 -7.88 36.52
CA ILE C 86 14.09 -7.83 36.87
C ILE C 86 13.87 -8.56 38.19
N GLN C 87 14.46 -9.73 38.32
CA GLN C 87 14.38 -10.48 39.58
C GLN C 87 14.98 -9.70 40.78
N ALA C 88 16.05 -8.94 40.56
CA ALA C 88 16.64 -8.07 41.59
C ALA C 88 15.66 -7.00 42.10
N LYS C 89 14.69 -6.60 41.27
CA LYS C 89 13.62 -5.71 41.73
C LYS C 89 12.53 -6.46 42.52
N GLY C 90 12.64 -7.77 42.65
CA GLY C 90 11.74 -8.55 43.47
C GLY C 90 10.64 -9.29 42.68
N TYR C 91 10.77 -9.38 41.35
CA TYR C 91 9.75 -10.08 40.54
C TYR C 91 10.10 -11.52 40.26
N THR C 92 9.05 -12.31 40.12
CA THR C 92 9.19 -13.66 39.58
C THR C 92 8.16 -13.78 38.45
N LEU C 93 8.20 -14.87 37.72
CA LEU C 93 7.39 -14.98 36.49
C LEU C 93 5.99 -15.41 36.74
N GLY C 94 5.04 -14.75 36.09
CA GLY C 94 3.69 -15.26 35.91
C GLY C 94 3.66 -16.13 34.71
N ASN C 95 3.51 -15.50 33.52
CA ASN C 95 3.51 -16.24 32.30
C ASN C 95 3.81 -15.30 31.12
N VAL C 96 4.19 -15.87 30.01
CA VAL C 96 4.50 -15.05 28.81
C VAL C 96 3.83 -15.69 27.61
N ASP C 97 3.61 -14.89 26.57
CA ASP C 97 2.96 -15.34 25.36
C ASP C 97 3.57 -14.49 24.26
N VAL C 98 4.05 -15.14 23.23
CA VAL C 98 4.81 -14.53 22.18
C VAL C 98 4.06 -14.83 20.88
N THR C 99 4.02 -13.88 19.96
CA THR C 99 3.40 -14.10 18.68
C THR C 99 4.37 -13.61 17.62
N ILE C 100 4.99 -14.56 16.92
CA ILE C 100 5.79 -14.31 15.72
C ILE C 100 4.89 -14.03 14.53
N ILE C 101 5.19 -12.97 13.78
CA ILE C 101 4.44 -12.53 12.62
C ILE C 101 5.38 -12.59 11.44
N ALA C 102 5.15 -13.61 10.62
CA ALA C 102 6.05 -14.00 9.56
C ALA C 102 5.27 -14.73 8.47
N GLN C 103 5.41 -14.28 7.25
CA GLN C 103 4.88 -15.04 6.14
C GLN C 103 5.64 -16.33 5.95
N ALA C 104 6.94 -16.23 6.18
CA ALA C 104 7.86 -17.34 6.06
C ALA C 104 9.17 -16.97 6.75
N PRO C 105 10.00 -17.93 7.16
CA PRO C 105 9.75 -19.37 7.01
C PRO C 105 8.71 -19.88 7.97
N LYS C 106 8.39 -21.15 7.80
CA LYS C 106 7.49 -21.85 8.71
C LYS C 106 8.13 -21.99 10.09
N MET C 107 7.38 -21.64 11.13
CA MET C 107 7.90 -21.57 12.49
C MET C 107 7.45 -22.75 13.34
N LEU C 108 6.32 -23.35 12.98
CA LEU C 108 5.65 -24.36 13.80
C LEU C 108 6.54 -25.50 14.36
N PRO C 109 7.34 -26.16 13.50
CA PRO C 109 8.21 -27.27 13.99
C PRO C 109 9.29 -26.83 14.98
N HIS C 110 9.64 -25.54 14.92
CA HIS C 110 10.73 -25.00 15.72
C HIS C 110 10.28 -24.46 17.05
N ILE C 111 8.96 -24.28 17.22
CA ILE C 111 8.39 -23.66 18.43
C ILE C 111 8.67 -24.49 19.68
N PRO C 112 8.51 -25.81 19.63
CA PRO C 112 8.83 -26.60 20.83
C PRO C 112 10.21 -26.30 21.46
N GLN C 113 11.30 -26.19 20.72
CA GLN C 113 12.60 -25.86 21.31
C GLN C 113 12.71 -24.41 21.77
N MET C 114 12.06 -23.48 21.05
CA MET C 114 11.97 -22.09 21.52
C MET C 114 11.43 -22.06 22.97
N ARG C 115 10.33 -22.77 23.22
CA ARG C 115 9.71 -22.77 24.54
C ARG C 115 10.63 -23.36 25.61
N VAL C 116 11.33 -24.44 25.28
CA VAL C 116 12.35 -25.03 26.17
C VAL C 116 13.46 -24.04 26.46
N PHE C 117 13.98 -23.39 25.43
CA PHE C 117 15.02 -22.38 25.66
C PHE C 117 14.51 -21.22 26.46
N ILE C 118 13.29 -20.78 26.23
CA ILE C 118 12.81 -19.64 26.98
C ILE C 118 12.60 -20.02 28.47
N ALA C 119 11.98 -21.17 28.70
CA ALA C 119 11.74 -21.64 30.07
C ALA C 119 13.05 -21.84 30.84
N GLU C 120 14.07 -22.40 30.18
CA GLU C 120 15.44 -22.42 30.74
C GLU C 120 15.90 -21.04 31.15
N ASP C 121 15.84 -20.08 30.22
CA ASP C 121 16.38 -18.74 30.48
C ASP C 121 15.62 -18.00 31.56
N LEU C 122 14.34 -18.27 31.70
CA LEU C 122 13.55 -17.56 32.69
C LEU C 122 13.39 -18.40 33.99
N GLY C 123 13.92 -19.63 34.01
CA GLY C 123 13.86 -20.50 35.18
C GLY C 123 12.46 -20.91 35.58
N CYS C 124 11.61 -21.09 34.58
CA CYS C 124 10.22 -21.39 34.81
C CYS C 124 9.85 -22.69 34.20
N HIS C 125 8.62 -23.08 34.41
CA HIS C 125 8.09 -24.23 33.73
C HIS C 125 7.70 -23.92 32.28
N MET C 126 7.75 -24.97 31.45
CA MET C 126 7.31 -24.85 30.06
C MET C 126 5.88 -24.33 29.92
N ASP C 127 5.04 -24.68 30.89
CA ASP C 127 3.62 -24.35 30.86
C ASP C 127 3.37 -22.88 31.08
N ASP C 128 4.39 -22.15 31.49
CA ASP C 128 4.35 -20.71 31.64
C ASP C 128 4.82 -19.98 30.38
N VAL C 129 5.08 -20.71 29.31
CA VAL C 129 5.62 -20.08 28.09
C VAL C 129 4.77 -20.54 26.93
N ASN C 130 4.16 -19.57 26.26
CA ASN C 130 3.46 -19.83 25.03
C ASN C 130 4.14 -19.09 23.87
N VAL C 131 4.29 -19.78 22.75
CA VAL C 131 4.78 -19.19 21.51
C VAL C 131 3.91 -19.67 20.38
N LYS C 132 3.51 -18.71 19.53
CA LYS C 132 2.70 -18.98 18.36
C LYS C 132 3.20 -18.16 17.20
N ALA C 133 2.74 -18.52 16.01
CA ALA C 133 3.09 -17.81 14.79
C ALA C 133 1.85 -17.59 13.92
N THR C 134 1.87 -16.49 13.17
CA THR C 134 0.84 -16.17 12.25
C THR C 134 1.45 -15.44 11.07
N THR C 135 0.77 -15.51 9.94
CA THR C 135 1.14 -14.76 8.76
C THR C 135 0.21 -13.58 8.76
N THR C 136 0.41 -12.68 7.81
CA THR C 136 -0.53 -11.61 7.55
C THR C 136 -1.14 -11.78 6.15
N GLU C 137 -1.19 -13.03 5.65
CA GLU C 137 -1.88 -13.39 4.42
C GLU C 137 -1.41 -12.54 3.24
N LYS C 138 -0.09 -12.42 3.13
CA LYS C 138 0.61 -11.73 2.06
C LYS C 138 0.47 -10.22 2.11
N LEU C 139 -0.10 -9.68 3.17
CA LEU C 139 -0.23 -8.22 3.33
C LEU C 139 0.82 -7.62 4.21
N GLY C 140 1.17 -6.39 3.86
CA GLY C 140 2.14 -5.61 4.59
C GLY C 140 3.54 -6.08 4.41
N PHE C 141 4.48 -5.50 5.14
CA PHE C 141 5.89 -5.81 4.99
C PHE C 141 6.24 -7.26 5.37
N THR C 142 5.54 -7.87 6.34
CA THR C 142 5.75 -9.27 6.63
C THR C 142 5.17 -10.13 5.55
N GLY C 143 4.00 -9.74 5.07
CA GLY C 143 3.28 -10.47 4.05
C GLY C 143 4.05 -10.56 2.74
N ARG C 144 4.79 -9.50 2.39
CA ARG C 144 5.62 -9.52 1.18
C ARG C 144 7.04 -10.01 1.44
N GLY C 145 7.28 -10.67 2.56
CA GLY C 145 8.57 -11.29 2.83
C GLY C 145 9.75 -10.34 3.01
N GLU C 146 9.48 -9.13 3.50
CA GLU C 146 10.52 -8.15 3.67
C GLU C 146 11.10 -8.23 5.06
N GLY C 147 10.44 -8.97 5.93
CA GLY C 147 10.90 -8.99 7.31
C GLY C 147 9.98 -9.80 8.22
N ILE C 148 10.36 -9.88 9.48
CA ILE C 148 9.57 -10.61 10.49
C ILE C 148 9.35 -9.70 11.69
N ALA C 149 8.15 -9.78 12.26
CA ALA C 149 7.80 -8.96 13.42
C ALA C 149 7.46 -9.97 14.54
N CYS C 150 7.49 -9.48 15.76
CA CYS C 150 7.07 -10.27 16.93
C CYS C 150 6.42 -9.38 17.98
N GLU C 151 5.31 -9.87 18.52
CA GLU C 151 4.66 -9.29 19.65
C GLU C 151 4.79 -10.22 20.81
N ALA C 152 4.82 -9.65 21.99
CA ALA C 152 4.88 -10.45 23.19
C ALA C 152 4.21 -9.68 24.33
N VAL C 153 3.65 -10.45 25.24
CA VAL C 153 3.12 -9.93 26.47
C VAL C 153 3.67 -10.76 27.61
N ALA C 154 3.72 -10.17 28.79
CA ALA C 154 4.25 -10.87 29.97
C ALA C 154 3.52 -10.44 31.23
N LEU C 155 3.36 -11.37 32.15
CA LEU C 155 2.81 -11.03 33.46
C LEU C 155 3.87 -11.41 34.48
N LEU C 156 4.19 -10.47 35.36
CA LEU C 156 5.13 -10.73 36.46
C LEU C 156 4.33 -10.70 37.77
N ILE C 157 4.89 -11.32 38.79
CA ILE C 157 4.35 -11.28 40.16
C ILE C 157 5.34 -10.54 41.06
N LYS C 158 4.83 -9.67 41.92
CA LYS C 158 5.49 -9.38 43.20
C LYS C 158 4.62 -9.89 44.36
N GLU D 2 1.82 5.18 -44.25
CA GLU D 2 1.43 6.06 -43.08
C GLU D 2 2.00 5.56 -41.72
N MET D 3 1.67 6.23 -40.64
CA MET D 3 2.15 5.84 -39.34
C MET D 3 1.02 5.38 -38.45
N ARG D 4 1.38 4.50 -37.52
CA ARG D 4 0.45 3.90 -36.61
C ARG D 4 1.00 3.88 -35.19
N ILE D 5 0.13 4.08 -34.20
CA ILE D 5 0.51 4.20 -32.81
C ILE D 5 0.05 3.00 -32.02
N GLY D 6 0.82 2.65 -30.98
CA GLY D 6 0.44 1.61 -30.08
C GLY D 6 0.92 1.90 -28.67
N HIS D 7 0.31 1.22 -27.71
CA HIS D 7 0.50 1.52 -26.29
C HIS D 7 0.46 0.17 -25.58
N GLY D 8 1.40 -0.03 -24.64
CA GLY D 8 1.37 -1.18 -23.77
C GLY D 8 1.60 -0.83 -22.34
N PHE D 9 1.14 -1.72 -21.47
CA PHE D 9 1.29 -1.50 -20.04
C PHE D 9 1.41 -2.85 -19.37
N ASP D 10 2.33 -3.01 -18.43
CA ASP D 10 2.48 -4.28 -17.75
C ASP D 10 2.88 -4.05 -16.32
N VAL D 11 2.56 -5.04 -15.49
CA VAL D 11 2.92 -5.01 -14.08
C VAL D 11 3.24 -6.42 -13.62
N HIS D 12 4.27 -6.56 -12.82
CA HIS D 12 4.52 -7.83 -12.13
C HIS D 12 4.94 -7.53 -10.72
N ALA D 13 4.60 -8.45 -9.83
CA ALA D 13 4.86 -8.38 -8.42
C ALA D 13 6.22 -8.96 -8.09
N PHE D 14 6.94 -8.34 -7.17
CA PHE D 14 8.14 -8.95 -6.64
C PHE D 14 7.77 -10.24 -5.91
N GLY D 15 8.66 -11.24 -6.01
CA GLY D 15 8.52 -12.51 -5.32
C GLY D 15 9.78 -13.36 -5.44
N GLY D 16 10.09 -14.15 -4.42
CA GLY D 16 11.27 -14.97 -4.45
C GLY D 16 12.51 -14.10 -4.37
N GLU D 17 13.62 -14.59 -4.90
CA GLU D 17 14.89 -13.86 -4.86
C GLU D 17 15.27 -13.36 -6.24
N GLY D 18 16.19 -12.40 -6.25
CA GLY D 18 16.69 -11.80 -7.46
C GLY D 18 17.61 -12.75 -8.20
N PRO D 19 18.07 -12.39 -9.39
CA PRO D 19 17.91 -11.04 -9.95
C PRO D 19 16.57 -10.88 -10.64
N ILE D 20 16.25 -9.68 -11.10
CA ILE D 20 15.08 -9.46 -11.95
C ILE D 20 15.58 -9.32 -13.40
N ILE D 21 14.74 -9.58 -14.39
CA ILE D 21 15.11 -9.26 -15.79
C ILE D 21 14.22 -8.16 -16.37
N ILE D 22 14.83 -7.07 -16.81
CA ILE D 22 14.13 -5.91 -17.36
C ILE D 22 14.83 -5.50 -18.64
N GLY D 23 14.10 -5.39 -19.75
CA GLY D 23 14.69 -5.01 -21.02
C GLY D 23 15.76 -6.00 -21.42
N GLY D 24 15.54 -7.26 -21.09
CA GLY D 24 16.51 -8.29 -21.36
C GLY D 24 17.73 -8.36 -20.49
N VAL D 25 17.87 -7.43 -19.53
CA VAL D 25 19.07 -7.27 -18.76
C VAL D 25 18.83 -7.76 -17.30
N ARG D 26 19.68 -8.68 -16.84
CA ARG D 26 19.62 -9.19 -15.45
C ARG D 26 20.14 -8.13 -14.49
N ILE D 27 19.28 -7.73 -13.54
CA ILE D 27 19.61 -6.67 -12.58
C ILE D 27 19.57 -7.24 -11.15
N PRO D 28 20.68 -7.17 -10.40
CA PRO D 28 20.66 -7.65 -9.00
C PRO D 28 19.71 -6.88 -8.14
N TYR D 29 18.92 -7.63 -7.37
CA TYR D 29 18.00 -7.07 -6.42
C TYR D 29 17.69 -8.10 -5.33
N GLU D 30 17.10 -7.64 -4.23
CA GLU D 30 16.82 -8.52 -3.07
C GLU D 30 15.66 -9.43 -3.38
N LYS D 31 14.80 -8.99 -4.29
CA LYS D 31 13.65 -9.75 -4.70
C LYS D 31 13.79 -10.05 -6.20
N GLY D 32 13.11 -11.10 -6.63
CA GLY D 32 12.90 -11.39 -8.04
C GLY D 32 11.52 -10.94 -8.45
N LEU D 33 11.11 -11.24 -9.67
CA LEU D 33 9.75 -10.96 -10.09
C LEU D 33 8.95 -12.25 -10.21
N LEU D 34 7.66 -12.16 -9.92
CA LEU D 34 6.75 -13.29 -10.06
C LEU D 34 6.12 -13.21 -11.40
N ALA D 35 6.19 -14.29 -12.15
CA ALA D 35 5.47 -14.38 -13.40
C ALA D 35 5.62 -15.77 -13.96
N HIS D 36 4.59 -16.23 -14.67
CA HIS D 36 4.69 -17.44 -15.49
C HIS D 36 5.95 -17.34 -16.34
N SER D 37 6.20 -16.12 -16.83
CA SER D 37 7.30 -15.85 -17.74
C SER D 37 8.53 -15.43 -16.95
N ASP D 38 9.51 -14.83 -17.62
CA ASP D 38 10.64 -14.28 -16.92
C ASP D 38 10.27 -12.95 -16.22
N GLY D 39 9.03 -12.50 -16.43
CA GLY D 39 8.49 -11.34 -15.77
C GLY D 39 9.02 -10.01 -16.29
N ASP D 40 9.59 -10.02 -17.51
CA ASP D 40 10.17 -8.80 -18.08
C ASP D 40 9.06 -7.83 -18.44
N VAL D 41 8.70 -7.00 -17.48
CA VAL D 41 7.67 -5.98 -17.68
C VAL D 41 7.97 -5.02 -18.82
N ALA D 42 9.22 -4.65 -19.01
CA ALA D 42 9.57 -3.70 -20.07
C ALA D 42 9.30 -4.32 -21.40
N LEU D 43 9.82 -5.52 -21.65
CA LEU D 43 9.65 -6.16 -22.96
C LEU D 43 8.23 -6.58 -23.22
N HIS D 44 7.47 -6.95 -22.18
CA HIS D 44 6.04 -7.23 -22.32
C HIS D 44 5.23 -5.99 -22.72
N ALA D 45 5.45 -4.87 -22.05
CA ALA D 45 4.72 -3.65 -22.38
C ALA D 45 5.13 -3.24 -23.82
N LEU D 46 6.40 -3.38 -24.14
CA LEU D 46 6.83 -2.95 -25.48
C LEU D 46 6.22 -3.84 -26.56
N THR D 47 6.19 -5.13 -26.29
CA THR D 47 5.55 -6.09 -27.17
C THR D 47 4.08 -5.77 -27.40
N ASP D 48 3.34 -5.46 -26.33
CA ASP D 48 1.95 -5.02 -26.48
C ASP D 48 1.80 -3.72 -27.26
N ALA D 49 2.74 -2.76 -27.10
CA ALA D 49 2.64 -1.51 -27.84
C ALA D 49 2.83 -1.79 -29.33
N LEU D 50 3.71 -2.73 -29.66
CA LEU D 50 4.01 -2.98 -31.10
C LEU D 50 2.85 -3.79 -31.72
N LEU D 51 2.36 -4.80 -31.00
CA LEU D 51 1.17 -5.53 -31.43
C LEU D 51 -0.04 -4.61 -31.57
N GLY D 52 -0.18 -3.65 -30.66
CA GLY D 52 -1.28 -2.70 -30.67
C GLY D 52 -1.26 -1.80 -31.87
N ALA D 53 -0.10 -1.29 -32.20
CA ALA D 53 0.06 -0.44 -33.38
C ALA D 53 -0.31 -1.22 -34.63
N ALA D 54 -0.04 -2.51 -34.63
CA ALA D 54 -0.34 -3.36 -35.78
C ALA D 54 -1.76 -3.95 -35.76
N ALA D 55 -2.59 -3.53 -34.82
CA ALA D 55 -3.91 -4.15 -34.59
C ALA D 55 -3.90 -5.68 -34.54
N LEU D 56 -2.88 -6.25 -33.91
CA LEU D 56 -2.80 -7.70 -33.71
C LEU D 56 -3.17 -8.12 -32.29
N GLY D 57 -3.65 -7.20 -31.48
CA GLY D 57 -4.20 -7.58 -30.16
C GLY D 57 -3.21 -7.34 -29.03
N ASP D 58 -2.69 -8.41 -28.42
CA ASP D 58 -1.74 -8.33 -27.30
C ASP D 58 -0.97 -9.65 -27.13
N ILE D 59 0.02 -9.66 -26.24
CA ILE D 59 0.86 -10.84 -25.98
C ILE D 59 0.07 -12.12 -25.67
N GLY D 60 -0.97 -12.01 -24.86
CA GLY D 60 -1.78 -13.17 -24.50
C GLY D 60 -2.62 -13.73 -25.64
N LYS D 61 -3.08 -12.87 -26.54
CA LYS D 61 -3.72 -13.35 -27.75
C LYS D 61 -2.75 -14.24 -28.53
N LEU D 62 -1.53 -13.77 -28.72
CA LEU D 62 -0.57 -14.49 -29.55
C LEU D 62 0.03 -15.68 -28.83
N PHE D 63 0.28 -15.55 -27.54
CA PHE D 63 0.99 -16.54 -26.78
C PHE D 63 0.19 -16.89 -25.53
N PRO D 64 -0.94 -17.58 -25.68
CA PRO D 64 -1.78 -17.91 -24.52
C PRO D 64 -1.02 -18.80 -23.53
N ASP D 65 -1.20 -18.55 -22.24
CA ASP D 65 -0.57 -19.39 -21.21
C ASP D 65 -1.10 -20.81 -21.35
N THR D 66 -2.41 -20.88 -21.53
CA THR D 66 -3.10 -22.04 -22.06
C THR D 66 -2.16 -22.93 -22.90
N ASP D 67 -1.61 -22.33 -23.95
CA ASP D 67 -0.95 -23.07 -25.03
C ASP D 67 0.52 -23.41 -24.74
N PRO D 68 0.88 -24.70 -24.73
CA PRO D 68 2.20 -25.14 -24.26
C PRO D 68 3.35 -24.92 -25.24
N ALA D 69 3.06 -24.60 -26.49
CA ALA D 69 4.10 -24.24 -27.45
C ALA D 69 4.99 -23.06 -26.96
N PHE D 70 4.51 -22.26 -26.01
CA PHE D 70 5.26 -21.10 -25.51
C PHE D 70 5.77 -21.32 -24.08
N LYS D 71 5.62 -22.54 -23.60
CA LYS D 71 6.13 -22.90 -22.30
C LYS D 71 7.63 -22.67 -22.29
N GLY D 72 8.09 -21.84 -21.35
CA GLY D 72 9.51 -21.55 -21.18
C GLY D 72 10.07 -20.48 -22.09
N ALA D 73 9.28 -19.96 -23.02
CA ALA D 73 9.74 -18.83 -23.83
C ALA D 73 10.13 -17.64 -22.97
N ASP D 74 11.28 -17.05 -23.24
CA ASP D 74 11.65 -15.80 -22.61
C ASP D 74 11.08 -14.60 -23.37
N SER D 75 11.19 -13.40 -22.80
CA SER D 75 10.43 -12.28 -23.34
C SER D 75 11.06 -11.76 -24.62
N ARG D 76 12.35 -11.96 -24.82
CA ARG D 76 13.02 -11.56 -26.08
C ARG D 76 12.58 -12.47 -27.22
N GLU D 77 12.34 -13.72 -26.89
CA GLU D 77 11.84 -14.63 -27.89
C GLU D 77 10.43 -14.22 -28.29
N LEU D 78 9.59 -13.85 -27.31
CA LEU D 78 8.25 -13.41 -27.60
C LEU D 78 8.23 -12.10 -28.40
N LEU D 79 9.10 -11.18 -28.03
CA LEU D 79 9.27 -9.92 -28.72
C LEU D 79 9.65 -10.18 -30.20
N ARG D 80 10.63 -11.03 -30.45
CA ARG D 80 11.11 -11.25 -31.83
C ARG D 80 10.06 -11.94 -32.69
N GLU D 81 9.30 -12.84 -32.10
CA GLU D 81 8.23 -13.54 -32.81
C GLU D 81 7.06 -12.62 -33.08
N ALA D 82 6.75 -11.73 -32.14
CA ALA D 82 5.72 -10.75 -32.38
C ALA D 82 6.15 -9.82 -33.49
N TRP D 83 7.40 -9.41 -33.43
CA TRP D 83 7.96 -8.53 -34.44
C TRP D 83 7.95 -9.18 -35.83
N ARG D 84 8.27 -10.48 -35.90
CA ARG D 84 8.25 -11.23 -37.17
C ARG D 84 6.85 -11.19 -37.78
N ARG D 85 5.83 -11.39 -36.95
CA ARG D 85 4.44 -11.34 -37.40
C ARG D 85 3.99 -9.93 -37.79
N ILE D 86 4.51 -8.92 -37.11
CA ILE D 86 4.12 -7.56 -37.43
C ILE D 86 4.72 -7.20 -38.79
N GLN D 87 5.96 -7.62 -39.01
CA GLN D 87 6.66 -7.35 -40.27
C GLN D 87 5.99 -8.06 -41.41
N ALA D 88 5.43 -9.23 -41.13
CA ALA D 88 4.73 -10.01 -42.15
C ALA D 88 3.46 -9.30 -42.57
N LYS D 89 2.96 -8.41 -41.71
CA LYS D 89 1.77 -7.58 -42.00
C LYS D 89 2.09 -6.34 -42.82
N GLY D 90 3.35 -6.17 -43.22
CA GLY D 90 3.79 -5.02 -44.00
C GLY D 90 4.43 -3.87 -43.23
N TYR D 91 4.58 -4.00 -41.90
CA TYR D 91 5.06 -2.91 -41.06
C TYR D 91 6.55 -2.88 -40.86
N THR D 92 7.05 -1.68 -40.63
CA THR D 92 8.45 -1.44 -40.36
C THR D 92 8.55 -0.49 -39.15
N LEU D 93 9.71 -0.39 -38.52
CA LEU D 93 9.79 0.30 -37.21
C LEU D 93 10.00 1.77 -37.40
N GLY D 94 9.17 2.58 -36.71
CA GLY D 94 9.44 4.00 -36.63
C GLY D 94 10.34 4.22 -35.43
N ASN D 95 9.74 4.21 -34.22
CA ASN D 95 10.54 4.33 -33.02
C ASN D 95 9.73 3.81 -31.85
N VAL D 96 10.39 3.59 -30.73
CA VAL D 96 9.70 3.11 -29.54
C VAL D 96 10.19 3.89 -28.32
N ASP D 97 9.33 4.02 -27.31
CA ASP D 97 9.69 4.66 -26.08
C ASP D 97 9.09 3.86 -24.92
N VAL D 98 9.88 3.65 -23.87
CA VAL D 98 9.56 2.74 -22.78
C VAL D 98 9.83 3.47 -21.51
N THR D 99 8.91 3.32 -20.52
CA THR D 99 9.02 4.04 -19.31
C THR D 99 8.78 3.03 -18.16
N ILE D 100 9.87 2.59 -17.53
CA ILE D 100 9.87 1.64 -16.43
C ILE D 100 9.46 2.43 -15.20
N ILE D 101 8.52 1.89 -14.43
CA ILE D 101 8.03 2.53 -13.22
C ILE D 101 8.37 1.63 -12.03
N ALA D 102 9.34 2.06 -11.25
CA ALA D 102 10.00 1.27 -10.25
C ALA D 102 10.70 2.19 -9.24
N GLN D 103 10.50 1.85 -7.98
CA GLN D 103 11.15 2.60 -6.93
C GLN D 103 12.60 2.18 -6.88
N ALA D 104 12.84 0.91 -7.14
CA ALA D 104 14.15 0.30 -7.06
C ALA D 104 14.04 -1.05 -7.78
N PRO D 105 15.14 -1.60 -8.27
CA PRO D 105 16.48 -1.01 -8.24
C PRO D 105 16.70 0.11 -9.27
N LYS D 106 17.90 0.71 -9.27
CA LYS D 106 18.24 1.78 -10.18
C LYS D 106 18.34 1.15 -11.59
N MET D 107 17.70 1.79 -12.55
CA MET D 107 17.65 1.26 -13.89
C MET D 107 18.74 1.89 -14.77
N LEU D 108 19.05 3.17 -14.54
CA LEU D 108 19.83 3.96 -15.51
C LEU D 108 21.14 3.29 -15.95
N PRO D 109 21.88 2.66 -15.04
CA PRO D 109 23.09 1.89 -15.37
C PRO D 109 22.92 0.77 -16.37
N HIS D 110 21.72 0.21 -16.46
CA HIS D 110 21.41 -0.94 -17.27
C HIS D 110 20.65 -0.62 -18.54
N ILE D 111 20.20 0.61 -18.65
CA ILE D 111 19.39 1.04 -19.77
C ILE D 111 20.13 1.04 -21.14
N PRO D 112 21.38 1.49 -21.24
CA PRO D 112 22.13 1.28 -22.50
C PRO D 112 22.04 -0.15 -23.04
N GLN D 113 22.20 -1.13 -22.18
CA GLN D 113 22.22 -2.53 -22.59
C GLN D 113 20.84 -3.00 -22.98
N MET D 114 19.80 -2.47 -22.32
CA MET D 114 18.44 -2.77 -22.71
C MET D 114 18.22 -2.24 -24.11
N ARG D 115 18.66 -1.03 -24.36
CA ARG D 115 18.40 -0.41 -25.66
C ARG D 115 19.04 -1.21 -26.79
N VAL D 116 20.26 -1.71 -26.56
CA VAL D 116 20.94 -2.59 -27.52
C VAL D 116 20.18 -3.86 -27.77
N PHE D 117 19.77 -4.57 -26.70
CA PHE D 117 18.98 -5.75 -26.91
C PHE D 117 17.71 -5.51 -27.72
N ILE D 118 17.01 -4.40 -27.47
CA ILE D 118 15.74 -4.14 -28.14
C ILE D 118 16.04 -3.79 -29.61
N ALA D 119 17.07 -3.00 -29.83
CA ALA D 119 17.43 -2.60 -31.21
C ALA D 119 17.87 -3.83 -32.04
N GLU D 120 18.56 -4.79 -31.41
CA GLU D 120 18.94 -6.05 -32.08
C GLU D 120 17.68 -6.83 -32.41
N ASP D 121 16.80 -6.97 -31.39
CA ASP D 121 15.58 -7.75 -31.58
C ASP D 121 14.66 -7.19 -32.64
N LEU D 122 14.62 -5.87 -32.77
CA LEU D 122 13.73 -5.22 -33.70
C LEU D 122 14.43 -4.88 -35.02
N GLY D 123 15.71 -5.23 -35.15
CA GLY D 123 16.49 -4.92 -36.32
C GLY D 123 16.61 -3.45 -36.67
N CYS D 124 16.60 -2.59 -35.67
CA CYS D 124 16.57 -1.17 -35.95
C CYS D 124 17.82 -0.55 -35.38
N HIS D 125 17.95 0.75 -35.58
CA HIS D 125 19.07 1.51 -35.09
C HIS D 125 18.81 1.80 -33.62
N MET D 126 19.88 2.01 -32.86
CA MET D 126 19.72 2.31 -31.45
C MET D 126 19.00 3.63 -31.23
N ASP D 127 19.14 4.56 -32.19
CA ASP D 127 18.54 5.89 -32.11
C ASP D 127 17.03 5.85 -32.24
N ASP D 128 16.48 4.71 -32.59
CA ASP D 128 15.05 4.53 -32.71
C ASP D 128 14.46 3.97 -31.38
N VAL D 129 15.28 3.80 -30.36
CA VAL D 129 14.86 3.05 -29.15
C VAL D 129 15.22 3.92 -27.99
N ASN D 130 14.23 4.22 -27.15
CA ASN D 130 14.48 4.98 -25.94
C ASN D 130 13.87 4.22 -24.77
N VAL D 131 14.61 4.17 -23.70
CA VAL D 131 14.15 3.57 -22.44
C VAL D 131 14.45 4.55 -21.37
N LYS D 132 13.50 4.69 -20.44
CA LYS D 132 13.74 5.52 -19.29
C LYS D 132 13.09 4.88 -18.07
N ALA D 133 13.39 5.46 -16.92
CA ALA D 133 12.85 4.99 -15.63
C ALA D 133 12.43 6.16 -14.72
N THR D 134 11.39 5.93 -13.93
CA THR D 134 10.92 6.91 -12.97
C THR D 134 10.50 6.15 -11.72
N THR D 135 10.68 6.77 -10.55
CA THR D 135 10.03 6.27 -9.29
C THR D 135 8.65 6.86 -9.17
N THR D 136 7.91 6.44 -8.13
CA THR D 136 6.63 7.07 -7.78
C THR D 136 6.73 7.73 -6.40
N GLU D 137 7.95 8.09 -6.01
CA GLU D 137 8.23 8.88 -4.86
C GLU D 137 7.59 8.19 -3.63
N LYS D 138 7.88 6.89 -3.51
CA LYS D 138 7.37 6.02 -2.45
C LYS D 138 5.86 5.87 -2.32
N LEU D 139 5.09 6.23 -3.35
CA LEU D 139 3.65 6.07 -3.34
C LEU D 139 3.22 4.89 -4.18
N GLY D 140 2.10 4.29 -3.80
CA GLY D 140 1.48 3.22 -4.57
C GLY D 140 2.16 1.89 -4.36
N PHE D 141 1.64 0.84 -4.97
CA PHE D 141 2.32 -0.46 -4.92
C PHE D 141 3.79 -0.43 -5.45
N THR D 142 4.08 0.42 -6.44
CA THR D 142 5.44 0.55 -6.89
C THR D 142 6.33 1.22 -5.87
N GLY D 143 5.85 2.30 -5.29
CA GLY D 143 6.64 3.08 -4.37
C GLY D 143 6.91 2.34 -3.07
N ARG D 144 6.01 1.45 -2.70
CA ARG D 144 6.21 0.59 -1.54
C ARG D 144 7.11 -0.66 -1.80
N GLY D 145 7.56 -0.88 -3.05
CA GLY D 145 8.38 -2.04 -3.32
C GLY D 145 7.62 -3.33 -3.51
N GLU D 146 6.33 -3.24 -3.87
CA GLU D 146 5.54 -4.45 -4.09
C GLU D 146 5.66 -4.98 -5.52
N GLY D 147 6.02 -4.12 -6.46
CA GLY D 147 6.04 -4.53 -7.82
C GLY D 147 6.68 -3.46 -8.68
N ILE D 148 6.69 -3.73 -9.98
CA ILE D 148 7.28 -2.84 -10.98
C ILE D 148 6.30 -2.79 -12.12
N ALA D 149 6.17 -1.60 -12.71
CA ALA D 149 5.23 -1.39 -13.78
C ALA D 149 6.01 -0.80 -14.94
N CYS D 150 5.43 -0.90 -16.11
CA CYS D 150 6.06 -0.32 -17.31
C CYS D 150 5.02 0.08 -18.31
N GLU D 151 5.24 1.24 -18.93
CA GLU D 151 4.46 1.65 -20.09
C GLU D 151 5.37 1.81 -21.27
N ALA D 152 4.78 1.67 -22.46
CA ALA D 152 5.54 1.76 -23.71
C ALA D 152 4.66 2.34 -24.76
N VAL D 153 5.27 3.09 -25.65
CA VAL D 153 4.60 3.54 -26.86
C VAL D 153 5.47 3.18 -28.08
N ALA D 154 4.80 2.89 -29.19
CA ALA D 154 5.49 2.61 -30.46
C ALA D 154 4.84 3.32 -31.61
N LEU D 155 5.65 3.65 -32.60
CA LEU D 155 5.19 4.11 -33.88
C LEU D 155 5.72 3.11 -34.94
N LEU D 156 4.82 2.53 -35.73
CA LEU D 156 5.17 1.72 -36.88
C LEU D 156 4.96 2.51 -38.16
N ILE D 157 5.64 2.13 -39.24
CA ILE D 157 5.37 2.70 -40.58
C ILE D 157 4.73 1.62 -41.44
N LYS D 158 3.69 1.99 -42.18
CA LYS D 158 2.86 1.04 -42.94
C LYS D 158 3.16 1.19 -44.43
N LEU E 1 -0.33 14.40 -44.51
CA LEU E 1 0.64 15.52 -44.33
C LEU E 1 1.02 15.70 -42.85
N GLU E 2 0.00 15.69 -41.99
CA GLU E 2 0.19 15.96 -40.57
C GLU E 2 -0.52 14.90 -39.78
N MET E 3 0.14 14.42 -38.73
CA MET E 3 -0.48 13.52 -37.78
C MET E 3 -0.40 14.10 -36.38
N ARG E 4 -1.33 13.72 -35.52
CA ARG E 4 -1.45 14.26 -34.19
C ARG E 4 -1.77 13.15 -33.22
N ILE E 5 -1.12 13.19 -32.08
CA ILE E 5 -1.27 12.17 -31.03
C ILE E 5 -2.16 12.67 -29.86
N GLY E 6 -2.89 11.73 -29.26
CA GLY E 6 -3.62 11.97 -28.04
C GLY E 6 -3.64 10.75 -27.13
N HIS E 7 -3.89 11.04 -25.87
CA HIS E 7 -3.85 10.08 -24.80
C HIS E 7 -5.06 10.29 -23.86
N GLY E 8 -5.66 9.18 -23.42
CA GLY E 8 -6.74 9.24 -22.48
C GLY E 8 -6.48 8.26 -21.37
N PHE E 9 -7.05 8.59 -20.22
CA PHE E 9 -6.99 7.75 -19.05
C PHE E 9 -8.28 7.92 -18.24
N ASP E 10 -8.88 6.81 -17.87
CA ASP E 10 -10.12 6.87 -17.10
C ASP E 10 -10.16 5.72 -16.07
N VAL E 11 -10.87 5.99 -15.01
CA VAL E 11 -11.02 5.09 -13.90
C VAL E 11 -12.46 5.15 -13.41
N HIS E 12 -13.03 4.01 -13.11
CA HIS E 12 -14.25 4.02 -12.29
C HIS E 12 -14.16 2.96 -11.23
N ALA E 13 -14.84 3.20 -10.13
CA ALA E 13 -14.85 2.29 -9.02
C ALA E 13 -15.98 1.27 -9.22
N PHE E 14 -15.77 0.04 -8.78
CA PHE E 14 -16.85 -0.92 -8.71
C PHE E 14 -17.84 -0.49 -7.64
N GLY E 15 -19.12 -0.70 -7.94
CA GLY E 15 -20.19 -0.60 -6.96
C GLY E 15 -21.52 -0.90 -7.65
N GLY E 16 -22.58 -1.09 -6.88
CA GLY E 16 -23.87 -1.46 -7.44
C GLY E 16 -23.85 -2.87 -7.95
N GLU E 17 -24.61 -3.14 -9.02
CA GLU E 17 -24.72 -4.48 -9.59
C GLU E 17 -24.31 -4.52 -11.03
N GLY E 18 -23.85 -5.70 -11.45
CA GLY E 18 -23.60 -6.00 -12.84
C GLY E 18 -24.82 -5.78 -13.74
N PRO E 19 -24.61 -5.79 -15.05
CA PRO E 19 -23.29 -6.00 -15.63
C PRO E 19 -22.55 -4.65 -15.74
N ILE E 20 -21.28 -4.71 -16.08
CA ILE E 20 -20.51 -3.51 -16.44
C ILE E 20 -20.56 -3.38 -17.96
N ILE E 21 -20.43 -2.17 -18.47
CA ILE E 21 -20.32 -1.91 -19.92
C ILE E 21 -18.90 -1.43 -20.24
N ILE E 22 -18.22 -2.16 -21.12
CA ILE E 22 -16.85 -1.82 -21.52
C ILE E 22 -16.76 -1.90 -23.03
N GLY E 23 -16.24 -0.87 -23.66
CA GLY E 23 -16.23 -0.74 -25.11
C GLY E 23 -17.58 -1.02 -25.77
N GLY E 24 -18.66 -0.58 -25.12
CA GLY E 24 -20.01 -0.76 -25.61
C GLY E 24 -20.61 -2.15 -25.43
N VAL E 25 -19.91 -3.06 -24.75
CA VAL E 25 -20.33 -4.43 -24.56
C VAL E 25 -20.66 -4.70 -23.09
N ARG E 26 -21.82 -5.33 -22.85
CA ARG E 26 -22.23 -5.63 -21.49
C ARG E 26 -21.53 -6.89 -21.08
N ILE E 27 -20.77 -6.85 -19.99
CA ILE E 27 -20.04 -8.00 -19.52
C ILE E 27 -20.57 -8.35 -18.13
N PRO E 28 -21.16 -9.54 -17.97
CA PRO E 28 -21.57 -10.03 -16.64
C PRO E 28 -20.49 -9.93 -15.58
N TYR E 29 -20.83 -9.30 -14.47
CA TYR E 29 -19.96 -9.25 -13.29
C TYR E 29 -20.77 -9.12 -11.98
N GLU E 30 -20.13 -9.50 -10.87
CA GLU E 30 -20.71 -9.43 -9.51
C GLU E 30 -21.08 -8.01 -9.11
N LYS E 31 -20.30 -7.04 -9.61
CA LYS E 31 -20.53 -5.63 -9.35
C LYS E 31 -20.70 -4.83 -10.64
N GLY E 32 -21.30 -3.64 -10.51
CA GLY E 32 -21.34 -2.66 -11.57
C GLY E 32 -20.21 -1.64 -11.47
N LEU E 33 -20.26 -0.62 -12.30
CA LEU E 33 -19.31 0.47 -12.23
C LEU E 33 -20.02 1.78 -11.85
N LEU E 34 -19.62 2.35 -10.71
CA LEU E 34 -20.14 3.64 -10.25
C LEU E 34 -19.70 4.78 -11.15
N ALA E 35 -20.68 5.45 -11.72
CA ALA E 35 -20.40 6.59 -12.56
C ALA E 35 -21.66 7.39 -12.77
N HIS E 36 -21.47 8.67 -13.07
CA HIS E 36 -22.58 9.54 -13.45
C HIS E 36 -23.11 9.04 -14.79
N SER E 37 -22.17 8.56 -15.60
CA SER E 37 -22.45 7.99 -16.91
C SER E 37 -22.72 6.49 -16.80
N ASP E 38 -22.80 5.79 -17.93
CA ASP E 38 -22.85 4.32 -17.96
C ASP E 38 -21.56 3.62 -17.51
N GLY E 39 -20.53 4.40 -17.18
CA GLY E 39 -19.33 3.86 -16.58
C GLY E 39 -18.34 3.26 -17.54
N ASP E 40 -18.47 3.54 -18.84
CA ASP E 40 -17.65 2.89 -19.87
C ASP E 40 -16.24 3.49 -19.94
N VAL E 41 -15.36 2.86 -19.20
CA VAL E 41 -14.02 3.36 -18.93
C VAL E 41 -13.17 3.28 -20.19
N ALA E 42 -13.44 2.29 -21.02
CA ALA E 42 -12.75 2.16 -22.29
C ALA E 42 -13.16 3.24 -23.29
N LEU E 43 -14.45 3.49 -23.45
CA LEU E 43 -14.87 4.52 -24.40
C LEU E 43 -14.57 5.94 -23.91
N HIS E 44 -14.57 6.13 -22.58
CA HIS E 44 -14.21 7.39 -21.91
C HIS E 44 -12.72 7.75 -22.21
N ALA E 45 -11.80 6.84 -21.94
CA ALA E 45 -10.39 7.02 -22.27
C ALA E 45 -10.20 7.25 -23.76
N LEU E 46 -10.86 6.45 -24.59
CA LEU E 46 -10.68 6.59 -26.02
C LEU E 46 -11.13 7.97 -26.39
N THR E 47 -12.25 8.41 -25.82
CA THR E 47 -12.80 9.71 -26.16
C THR E 47 -11.80 10.81 -25.77
N ASP E 48 -11.22 10.70 -24.57
CA ASP E 48 -10.20 11.66 -24.13
C ASP E 48 -9.00 11.63 -25.07
N ALA E 49 -8.54 10.43 -25.47
CA ALA E 49 -7.38 10.33 -26.37
C ALA E 49 -7.68 11.03 -27.70
N LEU E 50 -8.89 10.89 -28.22
CA LEU E 50 -9.23 11.50 -29.53
C LEU E 50 -9.36 13.04 -29.42
N LEU E 51 -10.02 13.52 -28.36
CA LEU E 51 -10.15 14.94 -28.05
C LEU E 51 -8.78 15.54 -27.76
N GLY E 52 -7.95 14.80 -27.03
CA GLY E 52 -6.59 15.19 -26.79
C GLY E 52 -5.81 15.45 -28.06
N ALA E 53 -5.90 14.53 -29.02
CA ALA E 53 -5.19 14.65 -30.30
C ALA E 53 -5.61 15.92 -30.99
N ALA E 54 -6.87 16.26 -30.77
CA ALA E 54 -7.56 17.38 -31.42
C ALA E 54 -7.38 18.70 -30.69
N ALA E 55 -6.72 18.65 -29.54
CA ALA E 55 -6.61 19.76 -28.66
C ALA E 55 -7.99 20.38 -28.37
N LEU E 56 -8.96 19.53 -28.04
CA LEU E 56 -10.30 19.95 -27.63
C LEU E 56 -10.58 19.60 -26.16
N GLY E 57 -9.52 19.27 -25.41
CA GLY E 57 -9.56 19.19 -23.96
C GLY E 57 -9.88 17.77 -23.50
N ASP E 58 -11.12 17.54 -23.04
CA ASP E 58 -11.54 16.22 -22.62
C ASP E 58 -13.09 16.11 -22.54
N ILE E 59 -13.60 14.91 -22.24
CA ILE E 59 -15.06 14.68 -22.17
C ILE E 59 -15.73 15.72 -21.26
N GLY E 60 -15.08 16.06 -20.15
CA GLY E 60 -15.65 16.96 -19.14
C GLY E 60 -15.87 18.33 -19.70
N LYS E 61 -14.93 18.78 -20.54
CA LYS E 61 -15.04 20.04 -21.24
C LYS E 61 -16.16 20.04 -22.28
N LEU E 62 -16.31 18.96 -23.04
CA LEU E 62 -17.34 18.95 -24.08
C LEU E 62 -18.73 18.82 -23.48
N PHE E 63 -18.81 18.08 -22.38
CA PHE E 63 -20.06 17.70 -21.77
C PHE E 63 -20.02 18.06 -20.26
N PRO E 64 -20.06 19.35 -19.97
CA PRO E 64 -20.07 19.81 -18.58
C PRO E 64 -21.17 19.22 -17.71
N ASP E 65 -20.94 19.28 -16.40
CA ASP E 65 -21.88 18.76 -15.38
C ASP E 65 -23.26 19.37 -15.54
N THR E 66 -23.31 20.68 -15.72
CA THR E 66 -24.57 21.41 -15.80
C THR E 66 -25.11 21.70 -17.23
N ASP E 67 -24.57 21.02 -18.25
CA ASP E 67 -25.14 21.11 -19.59
C ASP E 67 -26.16 19.99 -19.63
N PRO E 68 -27.44 20.31 -19.72
CA PRO E 68 -28.45 19.26 -19.75
C PRO E 68 -28.35 18.41 -21.04
N ALA E 69 -27.83 19.00 -22.11
CA ALA E 69 -27.93 18.40 -23.46
C ALA E 69 -27.59 16.94 -23.47
N PHE E 70 -26.44 16.57 -22.92
CA PHE E 70 -25.99 15.16 -23.00
C PHE E 70 -26.11 14.35 -21.70
N LYS E 71 -26.82 14.92 -20.73
CA LYS E 71 -27.14 14.19 -19.49
C LYS E 71 -27.91 12.96 -19.87
N GLY E 72 -27.48 11.81 -19.38
CA GLY E 72 -28.14 10.57 -19.68
C GLY E 72 -27.69 9.82 -20.93
N ALA E 73 -26.95 10.49 -21.83
CA ALA E 73 -26.38 9.82 -23.00
C ALA E 73 -25.45 8.72 -22.61
N ASP E 74 -25.52 7.58 -23.29
CA ASP E 74 -24.54 6.51 -23.09
C ASP E 74 -23.21 6.87 -23.75
N SER E 75 -22.15 6.11 -23.48
CA SER E 75 -20.80 6.51 -23.89
C SER E 75 -20.57 6.38 -25.39
N ARG E 76 -21.34 5.55 -26.06
CA ARG E 76 -21.19 5.48 -27.52
C ARG E 76 -21.72 6.75 -28.14
N GLU E 77 -22.75 7.32 -27.52
CA GLU E 77 -23.31 8.59 -28.01
C GLU E 77 -22.31 9.72 -27.82
N LEU E 78 -21.67 9.75 -26.65
CA LEU E 78 -20.72 10.78 -26.35
C LEU E 78 -19.53 10.63 -27.27
N LEU E 79 -19.09 9.39 -27.50
CA LEU E 79 -18.01 9.09 -28.44
C LEU E 79 -18.31 9.59 -29.86
N ARG E 80 -19.49 9.28 -30.37
CA ARG E 80 -19.85 9.69 -31.74
C ARG E 80 -19.99 11.21 -31.83
N GLU E 81 -20.38 11.85 -30.73
CA GLU E 81 -20.55 13.31 -30.72
C GLU E 81 -19.20 14.02 -30.61
N ALA E 82 -18.31 13.51 -29.76
CA ALA E 82 -16.94 14.01 -29.67
C ALA E 82 -16.32 13.89 -31.03
N TRP E 83 -16.47 12.73 -31.63
CA TRP E 83 -15.91 12.46 -32.94
C TRP E 83 -16.47 13.41 -33.97
N ARG E 84 -17.77 13.70 -33.91
CA ARG E 84 -18.34 14.67 -34.86
C ARG E 84 -17.59 16.00 -34.73
N ARG E 85 -17.42 16.47 -33.49
CA ARG E 85 -16.76 17.76 -33.24
C ARG E 85 -15.29 17.75 -33.65
N ILE E 86 -14.63 16.60 -33.46
CA ILE E 86 -13.27 16.42 -33.91
C ILE E 86 -13.18 16.52 -35.45
N GLN E 87 -14.07 15.85 -36.15
CA GLN E 87 -14.01 15.87 -37.63
C GLN E 87 -14.35 17.26 -38.15
N ALA E 88 -15.21 17.99 -37.43
CA ALA E 88 -15.51 19.40 -37.74
C ALA E 88 -14.29 20.32 -37.75
N LYS E 89 -13.20 19.90 -37.06
CA LYS E 89 -11.92 20.60 -37.12
C LYS E 89 -10.98 20.14 -38.24
N GLY E 90 -11.45 19.30 -39.17
CA GLY E 90 -10.60 18.80 -40.25
C GLY E 90 -9.87 17.45 -40.09
N TYR E 91 -10.04 16.79 -38.94
CA TYR E 91 -9.33 15.55 -38.67
C TYR E 91 -10.05 14.29 -39.13
N THR E 92 -9.26 13.30 -39.53
CA THR E 92 -9.72 11.95 -39.79
C THR E 92 -8.89 10.97 -38.98
N LEU E 93 -9.32 9.73 -38.93
CA LEU E 93 -8.66 8.73 -38.13
C LEU E 93 -7.42 8.13 -38.79
N GLY E 94 -6.32 8.11 -38.04
CA GLY E 94 -5.20 7.22 -38.31
C GLY E 94 -5.51 5.90 -37.66
N ASN E 95 -5.33 5.81 -36.33
CA ASN E 95 -5.64 4.55 -35.64
C ASN E 95 -5.74 4.74 -34.14
N VAL E 96 -6.27 3.76 -33.46
CA VAL E 96 -6.37 3.86 -32.01
C VAL E 96 -6.02 2.57 -31.38
N ASP E 97 -5.57 2.65 -30.12
CA ASP E 97 -5.18 1.47 -29.35
C ASP E 97 -5.62 1.73 -27.92
N VAL E 98 -6.26 0.73 -27.32
CA VAL E 98 -6.88 0.87 -26.00
C VAL E 98 -6.40 -0.23 -25.12
N THR E 99 -6.15 0.05 -23.83
CA THR E 99 -5.49 -0.89 -22.96
C THR E 99 -6.29 -0.86 -21.69
N ILE E 100 -7.06 -1.90 -21.48
CA ILE E 100 -7.93 -2.00 -20.33
C ILE E 100 -7.14 -2.63 -19.22
N ILE E 101 -7.22 -2.04 -18.02
CA ILE E 101 -6.44 -2.50 -16.88
C ILE E 101 -7.43 -2.97 -15.82
N ALA E 102 -7.57 -4.27 -15.71
CA ALA E 102 -8.60 -4.89 -14.88
C ALA E 102 -8.13 -6.25 -14.47
N GLN E 103 -8.26 -6.57 -13.19
CA GLN E 103 -8.00 -7.91 -12.70
C GLN E 103 -9.07 -8.87 -13.23
N ALA E 104 -10.29 -8.37 -13.32
CA ALA E 104 -11.44 -9.15 -13.69
C ALA E 104 -12.50 -8.14 -14.06
N PRO E 105 -13.53 -8.51 -14.83
CA PRO E 105 -13.65 -9.80 -15.50
C PRO E 105 -12.71 -9.99 -16.70
N LYS E 106 -12.78 -11.18 -17.30
CA LYS E 106 -12.04 -11.49 -18.50
C LYS E 106 -12.64 -10.69 -19.65
N MET E 107 -11.75 -10.01 -20.37
CA MET E 107 -12.15 -9.10 -21.44
C MET E 107 -12.00 -9.73 -22.80
N LEU E 108 -11.00 -10.60 -22.98
CA LEU E 108 -10.60 -10.98 -24.35
C LEU E 108 -11.77 -11.55 -25.16
N PRO E 109 -12.63 -12.38 -24.55
CA PRO E 109 -13.81 -12.90 -25.27
C PRO E 109 -14.74 -11.83 -25.82
N HIS E 110 -14.79 -10.67 -25.15
CA HIS E 110 -15.63 -9.53 -25.58
C HIS E 110 -14.92 -8.48 -26.41
N ILE E 111 -13.60 -8.60 -26.57
CA ILE E 111 -12.83 -7.61 -27.31
C ILE E 111 -13.26 -7.49 -28.78
N PRO E 112 -13.42 -8.59 -29.53
CA PRO E 112 -13.89 -8.50 -30.92
C PRO E 112 -15.12 -7.61 -31.10
N GLN E 113 -16.12 -7.76 -30.24
CA GLN E 113 -17.34 -6.94 -30.34
C GLN E 113 -17.06 -5.50 -30.01
N MET E 114 -16.25 -5.24 -28.98
CA MET E 114 -15.85 -3.86 -28.68
C MET E 114 -15.28 -3.21 -29.96
N ARG E 115 -14.42 -3.93 -30.68
CA ARG E 115 -13.74 -3.32 -31.83
C ARG E 115 -14.70 -2.98 -32.94
N VAL E 116 -15.69 -3.88 -33.14
CA VAL E 116 -16.76 -3.66 -34.11
C VAL E 116 -17.51 -2.39 -33.79
N PHE E 117 -17.96 -2.25 -32.54
CA PHE E 117 -18.68 -1.06 -32.11
C PHE E 117 -17.85 0.23 -32.25
N ILE E 118 -16.56 0.16 -31.91
CA ILE E 118 -15.69 1.32 -31.97
C ILE E 118 -15.51 1.74 -33.43
N ALA E 119 -15.18 0.78 -34.27
CA ALA E 119 -15.02 1.00 -35.72
C ALA E 119 -16.26 1.58 -36.39
N GLU E 120 -17.44 1.12 -35.98
CA GLU E 120 -18.68 1.72 -36.50
C GLU E 120 -18.90 3.14 -35.96
N ASP E 121 -18.67 3.35 -34.67
CA ASP E 121 -18.74 4.69 -34.12
C ASP E 121 -17.76 5.67 -34.77
N LEU E 122 -16.64 5.20 -35.31
CA LEU E 122 -15.65 6.11 -35.83
C LEU E 122 -15.62 6.07 -37.33
N GLY E 123 -16.43 5.19 -37.91
CA GLY E 123 -16.52 5.06 -39.34
C GLY E 123 -15.24 4.60 -39.98
N CYS E 124 -14.49 3.74 -39.28
CA CYS E 124 -13.23 3.24 -39.80
C CYS E 124 -13.27 1.72 -39.95
N HIS E 125 -12.17 1.18 -40.44
CA HIS E 125 -11.93 -0.23 -40.55
C HIS E 125 -11.61 -0.88 -39.20
N MET E 126 -11.91 -2.17 -39.08
CA MET E 126 -11.54 -2.96 -37.92
C MET E 126 -10.04 -2.82 -37.68
N ASP E 127 -9.28 -2.79 -38.78
CA ASP E 127 -7.85 -2.81 -38.70
C ASP E 127 -7.23 -1.55 -38.10
N ASP E 128 -8.01 -0.50 -37.90
CA ASP E 128 -7.54 0.73 -37.33
C ASP E 128 -7.81 0.80 -35.84
N VAL E 129 -8.41 -0.26 -35.29
CA VAL E 129 -8.83 -0.29 -33.90
C VAL E 129 -8.20 -1.52 -33.23
N ASN E 130 -7.45 -1.29 -32.16
CA ASN E 130 -6.95 -2.37 -31.35
C ASN E 130 -7.45 -2.13 -29.95
N VAL E 131 -7.84 -3.20 -29.28
CA VAL E 131 -8.20 -3.13 -27.87
C VAL E 131 -7.51 -4.30 -27.25
N LYS E 132 -6.87 -4.06 -26.11
CA LYS E 132 -6.32 -5.13 -25.32
C LYS E 132 -6.65 -4.94 -23.85
N ALA E 133 -6.26 -5.96 -23.09
CA ALA E 133 -6.39 -5.97 -21.64
C ALA E 133 -5.16 -6.55 -20.95
N THR E 134 -4.97 -6.11 -19.71
CA THR E 134 -3.96 -6.65 -18.84
C THR E 134 -4.44 -6.56 -17.39
N THR E 135 -4.02 -7.52 -16.56
CA THR E 135 -4.17 -7.40 -15.12
C THR E 135 -2.99 -6.65 -14.54
N THR E 136 -3.07 -6.33 -13.26
CA THR E 136 -1.92 -5.80 -12.56
C THR E 136 -1.39 -6.77 -11.51
N GLU E 137 -1.62 -8.06 -11.75
CA GLU E 137 -1.05 -9.14 -10.95
C GLU E 137 -1.49 -9.00 -9.46
N LYS E 138 -2.75 -8.68 -9.25
CA LYS E 138 -3.32 -8.44 -7.92
C LYS E 138 -2.76 -7.21 -7.18
N LEU E 139 -1.98 -6.37 -7.86
CA LEU E 139 -1.47 -5.15 -7.25
C LEU E 139 -2.30 -3.93 -7.57
N GLY E 140 -2.35 -3.03 -6.58
CA GLY E 140 -3.00 -1.76 -6.71
C GLY E 140 -4.49 -1.87 -6.61
N PHE E 141 -5.18 -0.77 -6.94
CA PHE E 141 -6.62 -0.73 -6.81
C PHE E 141 -7.28 -1.59 -7.86
N THR E 142 -6.70 -1.66 -9.07
CA THR E 142 -7.22 -2.61 -10.06
C THR E 142 -7.01 -4.07 -9.64
N GLY E 143 -5.82 -4.36 -9.15
CA GLY E 143 -5.47 -5.71 -8.75
C GLY E 143 -6.29 -6.24 -7.58
N ARG E 144 -6.74 -5.34 -6.72
CA ARG E 144 -7.49 -5.71 -5.52
C ARG E 144 -8.97 -5.73 -5.84
N GLY E 145 -9.32 -5.49 -7.12
CA GLY E 145 -10.70 -5.63 -7.55
C GLY E 145 -11.56 -4.48 -7.14
N GLU E 146 -10.96 -3.30 -7.00
CA GLU E 146 -11.71 -2.12 -6.55
C GLU E 146 -12.27 -1.28 -7.67
N GLY E 147 -11.70 -1.42 -8.86
CA GLY E 147 -12.22 -0.74 -10.01
C GLY E 147 -11.46 -1.12 -11.27
N ILE E 148 -11.77 -0.43 -12.34
CA ILE E 148 -11.12 -0.70 -13.63
C ILE E 148 -10.55 0.61 -14.14
N ALA E 149 -9.38 0.54 -14.73
CA ALA E 149 -8.75 1.69 -15.34
C ALA E 149 -8.65 1.41 -16.82
N CYS E 150 -8.46 2.46 -17.59
CA CYS E 150 -8.21 2.24 -19.00
C CYS E 150 -7.37 3.35 -19.57
N GLU E 151 -6.40 2.98 -20.38
CA GLU E 151 -5.63 3.97 -21.14
C GLU E 151 -5.87 3.82 -22.61
N ALA E 152 -5.71 4.91 -23.35
CA ALA E 152 -5.95 4.89 -24.77
C ALA E 152 -5.02 5.85 -25.44
N VAL E 153 -4.60 5.52 -26.65
CA VAL E 153 -3.88 6.45 -27.49
C VAL E 153 -4.51 6.52 -28.88
N ALA E 154 -4.33 7.63 -29.58
CA ALA E 154 -4.91 7.83 -30.90
C ALA E 154 -3.98 8.64 -31.77
N LEU E 155 -4.04 8.40 -33.06
CA LEU E 155 -3.43 9.24 -34.05
C LEU E 155 -4.54 9.71 -34.94
N LEU E 156 -4.62 11.03 -35.13
CA LEU E 156 -5.48 11.62 -36.14
C LEU E 156 -4.60 12.10 -37.28
N ILE E 157 -5.21 12.31 -38.45
CA ILE E 157 -4.52 12.88 -39.62
C ILE E 157 -5.18 14.22 -40.01
N LYS E 158 -4.41 15.22 -40.46
CA LYS E 158 -5.02 16.41 -41.11
C LYS E 158 -5.08 16.15 -42.60
N GLU F 2 10.20 12.34 -41.03
CA GLU F 2 9.77 11.34 -40.00
C GLU F 2 8.98 11.99 -38.85
N MET F 3 8.09 11.22 -38.23
CA MET F 3 7.48 11.61 -36.98
C MET F 3 7.95 10.60 -35.93
N ARG F 4 8.02 11.06 -34.68
CA ARG F 4 8.53 10.24 -33.60
C ARG F 4 7.63 10.36 -32.39
N ILE F 5 7.39 9.25 -31.70
CA ILE F 5 6.56 9.24 -30.50
C ILE F 5 7.39 9.20 -29.21
N GLY F 6 6.90 9.85 -28.18
CA GLY F 6 7.44 9.73 -26.84
C GLY F 6 6.37 9.68 -25.75
N HIS F 7 6.75 9.14 -24.58
CA HIS F 7 5.84 8.99 -23.46
C HIS F 7 6.57 9.40 -22.17
N GLY F 8 5.89 10.14 -21.31
CA GLY F 8 6.38 10.34 -19.97
C GLY F 8 5.34 10.15 -18.90
N PHE F 9 5.85 9.90 -17.69
CA PHE F 9 5.06 9.65 -16.47
C PHE F 9 5.83 10.19 -15.27
N ASP F 10 5.13 10.86 -14.38
CA ASP F 10 5.79 11.38 -13.21
C ASP F 10 4.79 11.39 -12.07
N VAL F 11 5.31 11.34 -10.87
CA VAL F 11 4.51 11.40 -9.66
C VAL F 11 5.27 12.28 -8.70
N HIS F 12 4.56 13.12 -7.95
CA HIS F 12 5.13 13.75 -6.76
C HIS F 12 4.17 13.58 -5.57
N ALA F 13 4.75 13.35 -4.39
CA ALA F 13 4.01 13.12 -3.14
C ALA F 13 3.76 14.43 -2.43
N PHE F 14 2.55 14.59 -1.90
CA PHE F 14 2.27 15.76 -1.08
C PHE F 14 3.12 15.72 0.18
N GLY F 15 3.42 16.91 0.66
CA GLY F 15 4.20 17.11 1.88
C GLY F 15 4.45 18.60 2.06
N GLY F 16 4.55 19.04 3.30
CA GLY F 16 4.81 20.45 3.53
C GLY F 16 3.61 21.31 3.18
N GLU F 17 3.86 22.61 3.10
CA GLU F 17 2.83 23.62 2.86
C GLU F 17 2.65 23.89 1.38
N GLY F 18 1.44 24.30 1.02
CA GLY F 18 1.04 24.61 -0.32
C GLY F 18 1.74 25.72 -1.07
N PRO F 19 0.98 26.38 -1.92
CA PRO F 19 1.07 26.29 -3.37
C PRO F 19 1.87 25.11 -3.97
N ILE F 20 1.18 24.29 -4.76
CA ILE F 20 1.81 23.38 -5.71
C ILE F 20 1.98 24.10 -7.03
N ILE F 21 2.84 23.57 -7.89
CA ILE F 21 3.04 24.13 -9.23
C ILE F 21 2.87 23.04 -10.29
N ILE F 22 1.89 23.24 -11.17
CA ILE F 22 1.51 22.29 -12.20
C ILE F 22 1.43 23.05 -13.53
N GLY F 23 2.13 22.57 -14.54
CA GLY F 23 2.21 23.28 -15.81
C GLY F 23 2.71 24.72 -15.69
N GLY F 24 3.62 24.96 -14.76
CA GLY F 24 4.11 26.28 -14.47
C GLY F 24 3.17 27.19 -13.67
N VAL F 25 1.98 26.71 -13.34
CA VAL F 25 0.98 27.50 -12.65
C VAL F 25 0.92 27.14 -11.18
N ARG F 26 1.03 28.17 -10.34
CA ARG F 26 0.98 27.98 -8.88
C ARG F 26 -0.46 27.82 -8.48
N ILE F 27 -0.79 26.74 -7.80
CA ILE F 27 -2.16 26.47 -7.42
C ILE F 27 -2.20 26.36 -5.90
N PRO F 28 -2.91 27.28 -5.24
CA PRO F 28 -3.08 27.20 -3.79
C PRO F 28 -3.53 25.80 -3.38
N TYR F 29 -2.96 25.27 -2.31
CA TYR F 29 -3.41 23.98 -1.79
C TYR F 29 -2.96 23.82 -0.36
N GLU F 30 -3.66 22.97 0.41
CA GLU F 30 -3.27 22.75 1.83
C GLU F 30 -1.83 22.22 1.97
N LYS F 31 -1.38 21.49 0.94
CA LYS F 31 -0.05 20.88 0.92
C LYS F 31 0.68 21.30 -0.35
N GLY F 32 2.02 21.22 -0.32
CA GLY F 32 2.84 21.36 -1.50
C GLY F 32 3.22 19.99 -2.02
N LEU F 33 4.10 19.90 -3.00
CA LEU F 33 4.63 18.62 -3.44
C LEU F 33 6.10 18.51 -3.07
N LEU F 34 6.40 17.52 -2.24
CA LEU F 34 7.77 17.15 -1.93
C LEU F 34 8.56 16.79 -3.19
N ALA F 35 9.67 17.51 -3.40
CA ALA F 35 10.71 17.09 -4.34
C ALA F 35 11.98 17.95 -4.19
N HIS F 36 13.10 17.41 -4.70
CA HIS F 36 14.34 18.17 -4.86
C HIS F 36 14.07 19.22 -5.93
N SER F 37 13.03 18.98 -6.71
CA SER F 37 12.59 19.89 -7.74
C SER F 37 11.35 20.61 -7.21
N ASP F 38 10.81 21.54 -8.00
CA ASP F 38 9.54 22.20 -7.68
C ASP F 38 8.35 21.28 -7.74
N GLY F 39 8.54 20.05 -8.22
CA GLY F 39 7.52 19.04 -8.09
C GLY F 39 6.44 19.22 -9.14
N ASP F 40 6.80 19.87 -10.25
CA ASP F 40 5.86 20.07 -11.34
C ASP F 40 5.72 18.81 -12.20
N VAL F 41 4.82 17.94 -11.79
CA VAL F 41 4.60 16.66 -12.48
C VAL F 41 4.27 16.77 -13.92
N ALA F 42 3.49 17.77 -14.31
CA ALA F 42 3.09 17.93 -15.67
C ALA F 42 4.27 18.30 -16.57
N LEU F 43 5.12 19.26 -16.16
CA LEU F 43 6.25 19.63 -17.02
C LEU F 43 7.31 18.53 -17.04
N HIS F 44 7.45 17.78 -15.94
CA HIS F 44 8.40 16.69 -15.88
C HIS F 44 7.96 15.57 -16.80
N ALA F 45 6.69 15.16 -16.72
CA ALA F 45 6.14 14.13 -17.62
C ALA F 45 6.29 14.56 -19.08
N LEU F 46 5.95 15.81 -19.34
CA LEU F 46 6.05 16.38 -20.69
C LEU F 46 7.48 16.34 -21.17
N THR F 47 8.43 16.72 -20.30
CA THR F 47 9.83 16.78 -20.68
C THR F 47 10.33 15.39 -21.05
N ASP F 48 9.96 14.39 -20.25
CA ASP F 48 10.37 13.04 -20.52
C ASP F 48 9.79 12.54 -21.84
N ALA F 49 8.55 12.92 -22.14
CA ALA F 49 7.95 12.45 -23.38
C ALA F 49 8.66 13.06 -24.58
N LEU F 50 9.07 14.31 -24.45
CA LEU F 50 9.81 15.02 -25.53
C LEU F 50 11.19 14.41 -25.71
N LEU F 51 11.87 14.15 -24.59
CA LEU F 51 13.20 13.55 -24.61
C LEU F 51 13.11 12.13 -25.17
N GLY F 52 12.06 11.40 -24.77
CA GLY F 52 11.85 10.06 -25.22
C GLY F 52 11.60 9.98 -26.72
N ALA F 53 10.86 10.91 -27.29
CA ALA F 53 10.63 10.89 -28.73
C ALA F 53 11.95 11.11 -29.46
N ALA F 54 12.87 11.85 -28.85
CA ALA F 54 14.14 12.20 -29.46
C ALA F 54 15.22 11.16 -29.17
N ALA F 55 14.87 10.10 -28.44
CA ALA F 55 15.81 9.12 -27.92
C ALA F 55 16.99 9.80 -27.19
N LEU F 56 16.70 10.76 -26.32
CA LEU F 56 17.69 11.42 -25.49
C LEU F 56 17.62 11.02 -23.97
N GLY F 57 16.83 10.01 -23.69
CA GLY F 57 16.79 9.34 -22.39
C GLY F 57 15.67 9.89 -21.56
N ASP F 58 16.04 10.58 -20.48
CA ASP F 58 15.08 11.18 -19.57
C ASP F 58 15.68 12.39 -18.87
N ILE F 59 14.84 13.06 -18.11
CA ILE F 59 15.19 14.24 -17.35
C ILE F 59 16.36 13.95 -16.38
N GLY F 60 16.39 12.79 -15.73
CA GLY F 60 17.53 12.37 -14.93
C GLY F 60 18.86 12.29 -15.65
N LYS F 61 18.85 11.73 -16.85
CA LYS F 61 20.05 11.65 -17.66
C LYS F 61 20.55 13.04 -18.06
N LEU F 62 19.66 13.90 -18.51
CA LEU F 62 20.03 15.27 -18.87
C LEU F 62 20.54 16.13 -17.72
N PHE F 63 20.00 15.89 -16.52
CA PHE F 63 20.24 16.77 -15.39
C PHE F 63 20.55 15.92 -14.16
N PRO F 64 21.68 15.23 -14.17
CA PRO F 64 22.06 14.40 -13.03
C PRO F 64 22.41 15.28 -11.82
N ASP F 65 22.21 14.79 -10.60
CA ASP F 65 22.44 15.62 -9.40
C ASP F 65 23.91 16.08 -9.35
N THR F 66 24.74 15.49 -10.20
CA THR F 66 26.15 15.80 -10.34
C THR F 66 26.52 16.98 -11.30
N ASP F 67 25.55 17.62 -11.94
CA ASP F 67 25.80 18.77 -12.83
C ASP F 67 25.21 19.95 -12.09
N PRO F 68 26.05 20.90 -11.69
CA PRO F 68 25.57 22.08 -10.96
C PRO F 68 24.62 23.02 -11.76
N ALA F 69 24.76 23.02 -13.08
CA ALA F 69 24.09 24.00 -13.94
C ALA F 69 22.60 24.12 -13.67
N PHE F 70 21.85 23.02 -13.74
CA PHE F 70 20.39 23.09 -13.50
C PHE F 70 19.99 22.61 -12.12
N LYS F 71 20.98 22.41 -11.26
CA LYS F 71 20.68 21.99 -9.88
C LYS F 71 19.81 23.08 -9.29
N GLY F 72 18.57 22.74 -8.93
CA GLY F 72 17.64 23.69 -8.34
C GLY F 72 16.92 24.61 -9.32
N ALA F 73 17.09 24.36 -10.62
CA ALA F 73 16.34 25.06 -11.65
C ALA F 73 14.87 24.67 -11.54
N ASP F 74 13.97 25.60 -11.79
CA ASP F 74 12.58 25.23 -11.91
C ASP F 74 12.30 24.45 -13.21
N SER F 75 11.10 23.88 -13.29
CA SER F 75 10.75 22.90 -14.34
C SER F 75 10.57 23.53 -15.71
N ARG F 76 10.21 24.80 -15.76
CA ARG F 76 10.12 25.46 -17.06
C ARG F 76 11.50 25.69 -17.66
N GLU F 77 12.50 25.95 -16.81
CA GLU F 77 13.92 26.03 -17.25
C GLU F 77 14.43 24.69 -17.75
N LEU F 78 14.09 23.60 -17.06
CA LEU F 78 14.46 22.26 -17.50
C LEU F 78 13.83 21.91 -18.83
N LEU F 79 12.56 22.30 -19.02
CA LEU F 79 11.79 21.97 -20.21
C LEU F 79 12.41 22.68 -21.41
N ARG F 80 12.72 23.96 -21.22
CA ARG F 80 13.33 24.77 -22.28
C ARG F 80 14.71 24.24 -22.65
N GLU F 81 15.49 23.77 -21.68
CA GLU F 81 16.80 23.22 -21.97
C GLU F 81 16.70 21.87 -22.69
N ALA F 82 15.86 20.97 -22.20
CA ALA F 82 15.57 19.75 -22.97
C ALA F 82 15.15 20.08 -24.40
N TRP F 83 14.32 21.11 -24.57
CA TRP F 83 13.81 21.45 -25.89
C TRP F 83 14.91 21.99 -26.81
N ARG F 84 15.86 22.76 -26.28
CA ARG F 84 17.04 23.19 -27.06
C ARG F 84 17.85 22.03 -27.54
N ARG F 85 18.11 21.09 -26.65
CA ARG F 85 18.86 19.93 -27.04
C ARG F 85 18.13 19.08 -28.06
N ILE F 86 16.81 18.99 -27.94
CA ILE F 86 16.04 18.17 -28.87
C ILE F 86 16.08 18.84 -30.26
N GLN F 87 15.86 20.15 -30.31
CA GLN F 87 15.93 20.88 -31.57
C GLN F 87 17.33 20.84 -32.18
N ALA F 88 18.37 20.83 -31.34
CA ALA F 88 19.74 20.68 -31.82
C ALA F 88 19.92 19.39 -32.59
N LYS F 89 19.04 18.42 -32.32
CA LYS F 89 19.14 17.13 -32.97
C LYS F 89 18.30 17.06 -34.25
N GLY F 90 17.71 18.18 -34.67
CA GLY F 90 16.91 18.23 -35.88
C GLY F 90 15.39 18.20 -35.72
N TYR F 91 14.86 18.08 -34.49
CA TYR F 91 13.42 17.98 -34.27
C TYR F 91 12.67 19.30 -34.14
N THR F 92 11.43 19.29 -34.61
CA THR F 92 10.48 20.36 -34.34
C THR F 92 9.25 19.72 -33.73
N LEU F 93 8.34 20.54 -33.25
CA LEU F 93 7.16 20.04 -32.58
C LEU F 93 6.05 19.61 -33.51
N GLY F 94 5.53 18.40 -33.28
CA GLY F 94 4.23 17.99 -33.80
C GLY F 94 3.17 18.47 -32.85
N ASN F 95 2.86 17.68 -31.80
CA ASN F 95 1.91 18.13 -30.81
C ASN F 95 2.16 17.39 -29.49
N VAL F 96 1.58 17.88 -28.43
CA VAL F 96 1.70 17.16 -27.12
C VAL F 96 0.38 17.08 -26.42
N ASP F 97 0.19 16.05 -25.56
CA ASP F 97 -1.04 15.91 -24.86
C ASP F 97 -0.62 15.43 -23.45
N VAL F 98 -1.15 16.10 -22.45
CA VAL F 98 -0.79 15.85 -21.05
C VAL F 98 -2.04 15.44 -20.29
N THR F 99 -1.91 14.53 -19.30
CA THR F 99 -3.06 14.11 -18.52
C THR F 99 -2.62 14.11 -17.05
N ILE F 100 -3.10 15.10 -16.31
CA ILE F 100 -2.94 15.22 -14.86
C ILE F 100 -3.89 14.28 -14.19
N ILE F 101 -3.40 13.52 -13.21
CA ILE F 101 -4.18 12.55 -12.46
C ILE F 101 -4.09 12.98 -11.02
N ALA F 102 -5.18 13.55 -10.54
CA ALA F 102 -5.21 14.18 -9.22
C ALA F 102 -6.63 14.21 -8.69
N GLN F 103 -6.81 13.76 -7.45
CA GLN F 103 -8.13 13.85 -6.80
C GLN F 103 -8.46 15.29 -6.45
N ALA F 104 -7.43 16.03 -6.06
CA ALA F 104 -7.51 17.44 -5.73
C ALA F 104 -6.09 17.97 -5.80
N PRO F 105 -5.87 19.27 -6.01
CA PRO F 105 -6.92 20.27 -6.20
C PRO F 105 -7.51 20.22 -7.58
N LYS F 106 -8.57 21.01 -7.78
CA LYS F 106 -9.22 21.11 -9.06
C LYS F 106 -8.24 21.80 -10.03
N MET F 107 -8.14 21.30 -11.26
CA MET F 107 -7.12 21.82 -12.20
C MET F 107 -7.70 22.65 -13.32
N LEU F 108 -8.97 22.41 -13.61
CA LEU F 108 -9.62 22.90 -14.83
C LEU F 108 -9.45 24.41 -15.09
N PRO F 109 -9.64 25.28 -14.09
CA PRO F 109 -9.47 26.72 -14.34
C PRO F 109 -8.02 27.13 -14.54
N HIS F 110 -7.08 26.28 -14.14
CA HIS F 110 -5.67 26.62 -14.26
C HIS F 110 -5.03 26.19 -15.57
N ILE F 111 -5.73 25.35 -16.31
CA ILE F 111 -5.20 24.69 -17.51
C ILE F 111 -4.92 25.72 -18.64
N PRO F 112 -5.81 26.68 -18.88
CA PRO F 112 -5.49 27.68 -19.90
C PRO F 112 -4.12 28.36 -19.77
N GLN F 113 -3.70 28.73 -18.55
CA GLN F 113 -2.38 29.33 -18.35
C GLN F 113 -1.28 28.30 -18.60
N MET F 114 -1.50 27.07 -18.14
CA MET F 114 -0.55 25.98 -18.39
C MET F 114 -0.27 25.88 -19.88
N ARG F 115 -1.30 25.87 -20.70
CA ARG F 115 -1.14 25.71 -22.15
C ARG F 115 -0.38 26.88 -22.76
N VAL F 116 -0.68 28.09 -22.32
CA VAL F 116 0.11 29.26 -22.68
C VAL F 116 1.59 29.15 -22.30
N PHE F 117 1.89 28.71 -21.08
CA PHE F 117 3.28 28.58 -20.68
C PHE F 117 4.01 27.48 -21.44
N ILE F 118 3.32 26.39 -21.71
CA ILE F 118 3.96 25.27 -22.40
C ILE F 118 4.24 25.71 -23.84
N ALA F 119 3.27 26.36 -24.46
CA ALA F 119 3.43 26.88 -25.84
C ALA F 119 4.55 27.89 -25.97
N GLU F 120 4.73 28.77 -24.99
CA GLU F 120 5.88 29.70 -24.98
C GLU F 120 7.18 28.90 -24.88
N ASP F 121 7.24 27.91 -23.98
CA ASP F 121 8.45 27.14 -23.76
C ASP F 121 8.84 26.29 -24.98
N LEU F 122 7.86 25.84 -25.73
CA LEU F 122 8.17 25.04 -26.90
C LEU F 122 8.13 25.85 -28.20
N GLY F 123 7.80 27.13 -28.13
CA GLY F 123 7.77 27.98 -29.32
C GLY F 123 6.74 27.52 -30.33
N CYS F 124 5.57 27.11 -29.84
CA CYS F 124 4.54 26.54 -30.71
C CYS F 124 3.26 27.27 -30.48
N HIS F 125 2.24 26.96 -31.30
CA HIS F 125 0.89 27.49 -31.12
C HIS F 125 0.18 26.75 -30.00
N MET F 126 -0.77 27.43 -29.36
CA MET F 126 -1.58 26.83 -28.31
C MET F 126 -2.30 25.58 -28.84
N ASP F 127 -2.65 25.55 -30.13
CA ASP F 127 -3.43 24.44 -30.68
C ASP F 127 -2.62 23.15 -30.78
N ASP F 128 -1.33 23.23 -30.52
CA ASP F 128 -0.45 22.07 -30.50
C ASP F 128 -0.30 21.53 -29.09
N VAL F 129 -0.95 22.13 -28.11
CA VAL F 129 -0.73 21.75 -26.73
C VAL F 129 -2.09 21.44 -26.12
N ASN F 130 -2.27 20.22 -25.63
CA ASN F 130 -3.49 19.85 -24.96
C ASN F 130 -3.17 19.42 -23.53
N VAL F 131 -3.96 19.89 -22.60
CA VAL F 131 -3.84 19.50 -21.18
C VAL F 131 -5.22 19.18 -20.65
N LYS F 132 -5.30 18.04 -19.96
CA LYS F 132 -6.50 17.60 -19.29
C LYS F 132 -6.17 17.03 -17.91
N ALA F 133 -7.20 16.88 -17.09
CA ALA F 133 -7.08 16.33 -15.76
C ALA F 133 -8.19 15.31 -15.49
N THR F 134 -7.90 14.31 -14.67
CA THR F 134 -8.87 13.31 -14.27
C THR F 134 -8.56 12.87 -12.85
N THR F 135 -9.53 12.28 -12.19
CA THR F 135 -9.32 11.66 -10.87
C THR F 135 -9.26 10.17 -11.02
N THR F 136 -8.99 9.47 -9.94
CA THR F 136 -9.11 8.03 -9.88
C THR F 136 -10.28 7.64 -8.99
N GLU F 137 -11.24 8.54 -8.85
CA GLU F 137 -12.47 8.29 -8.12
C GLU F 137 -12.19 7.75 -6.75
N LYS F 138 -11.21 8.33 -6.08
CA LYS F 138 -10.87 8.01 -4.67
C LYS F 138 -10.13 6.71 -4.53
N LEU F 139 -9.74 6.10 -5.65
CA LEU F 139 -8.96 4.87 -5.60
C LEU F 139 -7.46 5.15 -5.77
N GLY F 140 -6.64 4.30 -5.15
CA GLY F 140 -5.21 4.38 -5.28
C GLY F 140 -4.58 5.52 -4.50
N PHE F 141 -3.27 5.75 -4.70
CA PHE F 141 -2.53 6.75 -3.91
C PHE F 141 -3.02 8.13 -4.29
N THR F 142 -3.36 8.36 -5.58
CA THR F 142 -3.95 9.63 -5.92
C THR F 142 -5.29 9.83 -5.33
N GLY F 143 -6.11 8.81 -5.40
CA GLY F 143 -7.46 8.86 -4.88
C GLY F 143 -7.52 9.17 -3.38
N ARG F 144 -6.53 8.71 -2.65
CA ARG F 144 -6.46 8.91 -1.21
C ARG F 144 -5.81 10.26 -0.87
N GLY F 145 -5.37 11.01 -1.87
CA GLY F 145 -4.81 12.34 -1.67
C GLY F 145 -3.35 12.37 -1.27
N GLU F 146 -2.63 11.34 -1.64
CA GLU F 146 -1.25 11.21 -1.20
C GLU F 146 -0.25 11.87 -2.13
N GLY F 147 -0.69 12.09 -3.37
CA GLY F 147 0.11 12.81 -4.31
C GLY F 147 -0.62 12.94 -5.63
N ILE F 148 0.08 13.48 -6.62
CA ILE F 148 -0.47 13.70 -7.96
C ILE F 148 0.42 13.04 -9.00
N ALA F 149 -0.18 12.55 -10.06
CA ALA F 149 0.57 11.86 -11.12
C ALA F 149 0.25 12.61 -12.43
N CYS F 150 0.98 12.26 -13.47
CA CYS F 150 0.77 12.86 -14.78
C CYS F 150 1.35 11.98 -15.84
N GLU F 151 0.63 11.82 -16.92
CA GLU F 151 1.08 11.12 -18.11
C GLU F 151 1.11 12.10 -19.25
N ALA F 152 2.06 11.94 -20.14
CA ALA F 152 2.14 12.83 -21.33
C ALA F 152 2.59 12.02 -22.51
N VAL F 153 2.19 12.45 -23.69
CA VAL F 153 2.68 11.88 -24.90
C VAL F 153 3.07 13.03 -25.83
N ALA F 154 4.01 12.75 -26.70
CA ALA F 154 4.45 13.76 -27.69
C ALA F 154 4.75 13.14 -29.03
N LEU F 155 4.62 13.97 -30.05
CA LEU F 155 4.97 13.66 -31.42
C LEU F 155 5.92 14.77 -31.88
N LEU F 156 7.11 14.39 -32.32
CA LEU F 156 8.07 15.27 -32.94
C LEU F 156 8.13 15.03 -34.44
N ILE F 157 8.60 16.04 -35.17
CA ILE F 157 8.93 15.93 -36.60
C ILE F 157 10.43 16.02 -36.83
N LYS F 158 10.95 15.10 -37.65
CA LYS F 158 12.25 15.28 -38.31
C LYS F 158 12.04 15.37 -39.83
#